data_1B1X
#
_entry.id   1B1X
#
_cell.length_a   85.175
_cell.length_b   99.496
_cell.length_c   103.052
_cell.angle_alpha   90.00
_cell.angle_beta   90.00
_cell.angle_gamma   90.00
#
_symmetry.space_group_name_H-M   'P 21 21 21'
#
loop_
_entity.id
_entity.type
_entity.pdbx_description
1 polymer LACTOFERRIN
2 non-polymer 'FE (III) ION'
3 non-polymer 'CARBONATE ION'
4 water water
#
_entity_poly.entity_id   1
_entity_poly.type   'polypeptide(L)'
_entity_poly.pdbx_seq_one_letter_code
;APRKSVRWCTISPAEAAKCAKFQRNMKKVRGPSVSCIRKTSSFECIQAIAANKADAVTLDGGLVYEAGLHPYKLRPVAAE
VYQTRGKPQTRYYAVAVVKKGSGFQLNQLQGVKSCHTGLGRSAGWNIPIGTLRPYLNWTGPPEPLQKAVANFFSASCVPC
ADGKQYPNLCRLCAGTEADKCACSSQEPYFGYSGAFKCLENGAGDVAFVKDSTVFENLPDEAERDKYELLCPDNTRKPVD
AFKECHLARVPSHAVVARSVDGREDLIWKLLHRAQEEFGRNKSSAFQLFGSTPGEQDLLFKDSALGFVRIPSQIDSGLYL
GANYLTATQNLRETAAEVAARRERVVWCAVGPEEERKCKQWSDVSNRKVACASASTTEECIALVLKGEADALNLDGGFIY
VAGKCGLVPVLAENQKSQNSNAPDCVHRPPEGYLAVAVVRKSDADLTWNSLSGKKSCHTGVGRTAAWNIPMGLLFNQTGS
CKFDKFFSQSCAPGADPQSSLCALCVGNNENENKCMPNSEERYYGYTGAFRCLAEKAGDVAFVKDVTVLQNTDGKNSEPW
AKDLKQEDFELLCLDGTRKPVAEAESCHLARAPNHAVVSQSDRAQHLKKVLFLQQDQFGGNGPDCPGKFCLFKSETKNLL
FNDNTECLAELQGKTTYEQYLGSEYVTSITNLRRCSSSPLLEACAFLRA
;
_entity_poly.pdbx_strand_id   A
#
loop_
_chem_comp.id
_chem_comp.type
_chem_comp.name
_chem_comp.formula
CO3 non-polymer 'CARBONATE ION' 'C O3 -2'
FE non-polymer 'FE (III) ION' 'Fe 3'
#
# COMPACT_ATOMS: atom_id res chain seq x y z
N ALA A 1 -13.90 34.30 -1.42
CA ALA A 1 -12.64 34.34 -2.21
C ALA A 1 -11.39 34.06 -1.36
N PRO A 2 -11.22 34.78 -0.23
CA PRO A 2 -10.07 34.60 0.67
C PRO A 2 -9.98 33.23 1.39
N ARG A 3 -8.75 32.76 1.61
CA ARG A 3 -8.53 31.49 2.29
C ARG A 3 -7.59 31.76 3.49
N LYS A 4 -7.98 31.24 4.65
CA LYS A 4 -7.29 31.43 5.93
C LYS A 4 -5.84 30.91 6.08
N SER A 5 -5.28 31.01 7.29
CA SER A 5 -3.91 30.59 7.57
C SER A 5 -3.71 29.20 8.18
N VAL A 6 -2.54 28.63 7.95
CA VAL A 6 -2.22 27.34 8.49
C VAL A 6 -1.77 27.55 9.94
N ARG A 7 -2.42 26.88 10.86
CA ARG A 7 -2.07 26.97 12.26
C ARG A 7 -1.02 25.88 12.52
N TRP A 8 0.22 26.28 12.80
CA TRP A 8 1.29 25.32 13.05
C TRP A 8 1.47 25.06 14.54
N CYS A 9 1.45 23.80 14.92
CA CYS A 9 1.60 23.41 16.32
C CYS A 9 3.06 23.23 16.75
N THR A 10 3.45 23.91 17.83
CA THR A 10 4.81 23.82 18.34
C THR A 10 4.81 23.08 19.67
N ILE A 11 5.94 22.50 20.06
CA ILE A 11 6.02 21.69 21.28
C ILE A 11 6.96 22.21 22.38
N SER A 12 7.57 23.37 22.17
CA SER A 12 8.50 23.94 23.13
C SER A 12 8.79 25.39 22.78
N PRO A 13 9.21 26.20 23.77
CA PRO A 13 9.52 27.62 23.59
C PRO A 13 10.49 27.84 22.43
N ALA A 14 11.51 26.99 22.35
CA ALA A 14 12.48 27.09 21.26
C ALA A 14 11.77 26.92 19.93
N GLU A 15 10.80 26.01 19.88
CA GLU A 15 10.08 25.74 18.66
C GLU A 15 9.09 26.86 18.33
N ALA A 16 8.45 27.39 19.34
CA ALA A 16 7.50 28.48 19.13
C ALA A 16 8.30 29.60 18.47
N ALA A 17 9.40 29.98 19.11
CA ALA A 17 10.28 31.04 18.63
C ALA A 17 10.65 30.82 17.16
N LYS A 18 11.06 29.61 16.81
CA LYS A 18 11.40 29.35 15.43
C LYS A 18 10.17 29.61 14.58
N CYS A 19 9.02 29.11 15.02
CA CYS A 19 7.80 29.30 14.26
C CYS A 19 7.49 30.77 14.08
N ALA A 20 7.66 31.57 15.12
CA ALA A 20 7.40 33.00 15.03
C ALA A 20 8.30 33.65 13.98
N LYS A 21 9.55 33.23 13.97
CA LYS A 21 10.53 33.75 13.03
C LYS A 21 10.03 33.39 11.62
N PHE A 22 9.42 32.21 11.50
CA PHE A 22 8.90 31.69 10.23
C PHE A 22 7.69 32.49 9.76
N GLN A 23 6.76 32.73 10.69
CA GLN A 23 5.55 33.49 10.40
C GLN A 23 5.96 34.89 9.96
N ARG A 24 6.89 35.46 10.71
CA ARG A 24 7.42 36.79 10.45
C ARG A 24 8.07 36.89 9.07
N ASN A 25 9.04 36.05 8.75
CA ASN A 25 9.65 36.14 7.43
C ASN A 25 8.70 35.78 6.30
N MET A 26 7.63 35.05 6.61
CA MET A 26 6.65 34.65 5.59
C MET A 26 5.82 35.86 5.08
N LYS A 27 5.39 36.68 6.02
CA LYS A 27 4.59 37.86 5.70
C LYS A 27 5.48 38.94 5.08
N LYS A 28 6.76 38.93 5.44
CA LYS A 28 7.69 39.91 4.90
C LYS A 28 7.93 39.59 3.42
N VAL A 29 7.71 38.32 3.06
CA VAL A 29 7.88 37.83 1.68
C VAL A 29 6.54 37.92 0.94
N ARG A 30 5.50 38.34 1.67
CA ARG A 30 4.19 38.49 1.09
C ARG A 30 3.81 37.14 0.50
N GLY A 31 3.89 36.13 1.36
CA GLY A 31 3.55 34.78 1.01
C GLY A 31 2.48 34.28 1.98
N PRO A 32 2.00 33.03 1.85
CA PRO A 32 0.98 32.40 2.69
C PRO A 32 1.22 32.56 4.19
N SER A 33 0.16 32.92 4.92
CA SER A 33 0.23 33.17 6.36
C SER A 33 0.31 31.94 7.23
N VAL A 34 1.08 32.06 8.31
CA VAL A 34 1.25 31.01 9.28
C VAL A 34 0.81 31.56 10.63
N SER A 35 0.55 30.66 11.57
CA SER A 35 0.14 31.02 12.92
C SER A 35 0.82 29.95 13.75
N CYS A 36 1.07 30.20 15.02
CA CYS A 36 1.74 29.17 15.83
C CYS A 36 1.05 28.89 17.13
N ILE A 37 0.56 27.66 17.27
CA ILE A 37 -0.12 27.21 18.49
C ILE A 37 0.97 26.65 19.40
N ARG A 38 0.67 26.52 20.68
CA ARG A 38 1.66 26.00 21.58
C ARG A 38 1.14 24.87 22.46
N LYS A 39 1.64 23.67 22.18
CA LYS A 39 1.31 22.46 22.91
C LYS A 39 2.64 21.94 23.46
N THR A 40 2.61 20.91 24.30
CA THR A 40 3.87 20.43 24.89
C THR A 40 4.54 19.17 24.36
N SER A 41 3.97 18.56 23.34
CA SER A 41 4.57 17.37 22.80
C SER A 41 3.87 17.04 21.52
N SER A 42 4.55 16.29 20.66
CA SER A 42 3.99 15.92 19.38
C SER A 42 2.71 15.15 19.55
N PHE A 43 2.60 14.36 20.61
CA PHE A 43 1.39 13.60 20.88
C PHE A 43 0.26 14.56 21.12
N GLU A 44 0.59 15.72 21.68
CA GLU A 44 -0.41 16.74 21.97
C GLU A 44 -0.90 17.51 20.75
N CYS A 45 -0.03 17.68 19.76
CA CYS A 45 -0.40 18.38 18.55
C CYS A 45 -1.31 17.48 17.72
N ILE A 46 -1.13 16.16 17.85
CA ILE A 46 -1.95 15.17 17.15
C ILE A 46 -3.36 15.44 17.64
N GLN A 47 -3.51 15.49 18.96
CA GLN A 47 -4.77 15.74 19.63
C GLN A 47 -5.27 17.13 19.25
N ALA A 48 -4.40 18.14 19.37
CA ALA A 48 -4.79 19.50 19.04
C ALA A 48 -5.31 19.56 17.60
N ILE A 49 -4.59 18.94 16.68
CA ILE A 49 -4.99 18.96 15.29
C ILE A 49 -6.35 18.32 15.03
N ALA A 50 -6.56 17.11 15.50
CA ALA A 50 -7.82 16.41 15.30
C ALA A 50 -9.07 17.15 15.84
N ALA A 51 -8.86 17.96 16.87
CA ALA A 51 -9.94 18.73 17.48
C ALA A 51 -10.06 20.12 16.86
N ASN A 52 -9.39 20.32 15.73
CA ASN A 52 -9.41 21.58 15.02
C ASN A 52 -8.86 22.78 15.80
N LYS A 53 -7.89 22.52 16.69
CA LYS A 53 -7.24 23.59 17.44
C LYS A 53 -6.03 24.06 16.60
N ALA A 54 -5.50 23.14 15.80
CA ALA A 54 -4.36 23.42 14.94
C ALA A 54 -4.59 22.72 13.62
N ASP A 55 -3.61 22.75 12.71
CA ASP A 55 -3.81 22.10 11.43
C ASP A 55 -2.66 21.26 10.94
N ALA A 56 -1.44 21.56 11.37
CA ALA A 56 -0.28 20.84 10.86
C ALA A 56 0.85 20.62 11.87
N VAL A 57 1.63 19.55 11.69
CA VAL A 57 2.81 19.23 12.56
C VAL A 57 3.67 18.25 11.83
N THR A 58 4.98 18.38 11.94
CA THR A 58 5.84 17.41 11.30
C THR A 58 5.95 16.28 12.34
N LEU A 59 5.82 15.03 11.91
CA LEU A 59 5.91 13.88 12.78
C LEU A 59 6.82 12.82 12.21
N ASP A 60 7.42 12.06 13.10
CA ASP A 60 8.31 10.97 12.71
C ASP A 60 7.45 9.80 12.28
N GLY A 61 7.97 8.95 11.42
CA GLY A 61 7.16 7.83 10.96
C GLY A 61 6.32 7.19 12.05
N GLY A 62 6.93 6.99 13.21
CA GLY A 62 6.25 6.39 14.34
C GLY A 62 5.04 7.10 14.90
N LEU A 63 5.06 8.42 14.94
CA LEU A 63 3.91 9.14 15.43
C LEU A 63 2.87 9.26 14.29
N VAL A 64 3.33 9.18 13.03
CA VAL A 64 2.40 9.25 11.90
C VAL A 64 1.48 8.10 12.24
N TYR A 65 2.09 6.97 12.52
CA TYR A 65 1.37 5.79 12.90
C TYR A 65 0.29 6.06 13.96
N GLU A 66 0.68 6.61 15.09
CA GLU A 66 -0.28 6.89 16.15
C GLU A 66 -1.31 7.92 15.76
N ALA A 67 -0.89 8.88 14.95
CA ALA A 67 -1.79 9.94 14.55
C ALA A 67 -2.93 9.43 13.69
N GLY A 68 -2.63 8.43 12.88
CA GLY A 68 -3.65 7.86 12.02
C GLY A 68 -4.62 6.94 12.74
N LEU A 69 -4.25 6.49 13.93
CA LEU A 69 -5.12 5.60 14.66
C LEU A 69 -6.47 6.22 14.78
N HIS A 70 -7.45 5.35 14.93
CA HIS A 70 -8.81 5.78 14.96
C HIS A 70 -9.32 7.09 15.56
N PRO A 71 -9.19 7.30 16.88
CA PRO A 71 -9.74 8.60 17.34
C PRO A 71 -9.30 9.89 16.60
N TYR A 72 -8.05 9.91 16.13
CA TYR A 72 -7.50 11.08 15.46
C TYR A 72 -7.64 11.07 13.95
N LYS A 73 -7.34 9.94 13.34
CA LYS A 73 -7.44 9.80 11.90
C LYS A 73 -6.82 10.98 11.16
N LEU A 74 -5.51 11.14 11.33
CA LEU A 74 -4.76 12.19 10.65
C LEU A 74 -4.10 11.49 9.47
N ARG A 75 -3.65 12.26 8.47
CA ARG A 75 -3.00 11.66 7.31
C ARG A 75 -1.80 12.48 6.89
N PRO A 76 -0.77 11.82 6.34
CA PRO A 76 0.45 12.51 5.91
C PRO A 76 0.26 13.32 4.65
N VAL A 77 0.39 14.63 4.78
CA VAL A 77 0.24 15.52 3.65
C VAL A 77 1.53 15.66 2.85
N ALA A 78 2.64 15.95 3.51
CA ALA A 78 3.90 16.13 2.79
C ALA A 78 5.02 15.39 3.49
N ALA A 79 5.88 14.74 2.70
CA ALA A 79 7.02 13.98 3.19
C ALA A 79 8.36 14.73 3.00
N GLU A 80 9.17 14.82 4.06
CA GLU A 80 10.48 15.47 3.97
C GLU A 80 11.43 14.63 3.09
N VAL A 81 12.38 15.29 2.42
CA VAL A 81 13.37 14.61 1.57
C VAL A 81 14.70 14.81 2.26
N TYR A 82 15.58 13.80 2.18
CA TYR A 82 16.86 13.90 2.88
C TYR A 82 18.13 13.66 2.08
N GLN A 83 19.24 13.80 2.84
CA GLN A 83 20.67 13.63 2.47
C GLN A 83 21.03 12.58 1.44
N THR A 84 21.05 11.34 1.92
CA THR A 84 21.39 10.12 1.20
C THR A 84 22.82 9.91 0.73
N ARG A 85 23.69 10.91 0.90
CA ARG A 85 25.08 10.75 0.46
C ARG A 85 25.10 10.52 -1.06
N GLY A 86 23.92 10.39 -1.66
CA GLY A 86 23.81 10.15 -3.08
C GLY A 86 22.56 10.82 -3.60
N LYS A 87 21.53 10.03 -3.78
CA LYS A 87 20.28 10.55 -4.34
C LYS A 87 19.39 10.92 -3.18
N PRO A 88 18.73 12.10 -3.22
CA PRO A 88 17.85 12.54 -2.13
C PRO A 88 16.82 11.45 -1.87
N GLN A 89 16.34 11.31 -0.64
CA GLN A 89 15.38 10.25 -0.39
C GLN A 89 14.30 10.59 0.56
N THR A 90 13.22 9.82 0.49
CA THR A 90 12.10 9.98 1.39
C THR A 90 12.11 8.85 2.45
N ARG A 91 13.27 8.22 2.59
CA ARG A 91 13.50 7.13 3.52
C ARG A 91 14.84 7.33 4.21
N TYR A 92 15.02 6.68 5.30
CA TYR A 92 16.30 6.74 5.99
C TYR A 92 16.50 5.47 6.81
N TYR A 93 17.75 5.31 7.25
CA TYR A 93 18.16 4.09 7.94
C TYR A 93 18.23 4.35 9.44
N ALA A 94 17.67 3.46 10.27
CA ALA A 94 17.77 3.60 11.71
C ALA A 94 19.09 2.87 12.04
N VAL A 95 19.90 3.44 12.91
CA VAL A 95 21.15 2.80 13.26
C VAL A 95 21.41 2.86 14.76
N ALA A 96 22.39 2.08 15.24
CA ALA A 96 22.76 2.06 16.66
C ALA A 96 24.21 2.48 16.73
N VAL A 97 24.46 3.60 17.41
CA VAL A 97 25.78 4.16 17.52
C VAL A 97 26.38 3.94 18.87
N VAL A 98 27.62 3.46 18.86
CA VAL A 98 28.39 3.21 20.07
C VAL A 98 29.82 3.73 19.88
N LYS A 99 30.54 3.84 20.98
CA LYS A 99 31.92 4.29 20.98
C LYS A 99 32.82 3.11 20.71
N LYS A 100 34.02 3.35 20.20
CA LYS A 100 34.96 2.25 19.96
C LYS A 100 35.56 1.76 21.28
N GLY A 101 35.77 0.45 21.38
CA GLY A 101 36.35 -0.10 22.59
C GLY A 101 35.36 -0.28 23.73
N SER A 102 34.11 -0.52 23.37
CA SER A 102 33.04 -0.75 24.34
C SER A 102 32.74 -2.27 24.42
N GLY A 103 33.08 -2.98 23.35
CA GLY A 103 32.93 -4.41 23.33
C GLY A 103 31.64 -5.11 22.98
N PHE A 104 30.54 -4.76 23.62
CA PHE A 104 29.26 -5.43 23.34
C PHE A 104 28.79 -5.39 21.89
N GLN A 105 27.97 -6.36 21.52
CA GLN A 105 27.42 -6.43 20.18
C GLN A 105 25.94 -6.17 20.36
N LEU A 106 25.19 -6.29 19.28
CA LEU A 106 23.77 -6.04 19.35
C LEU A 106 23.12 -7.00 20.30
N ASN A 107 23.61 -8.24 20.32
CA ASN A 107 23.02 -9.28 21.19
C ASN A 107 23.47 -9.26 22.64
N GLN A 108 24.20 -8.23 23.02
CA GLN A 108 24.70 -8.16 24.39
C GLN A 108 24.32 -6.89 25.12
N LEU A 109 23.26 -6.20 24.67
CA LEU A 109 22.86 -4.93 25.30
C LEU A 109 22.28 -5.04 26.70
N GLN A 110 21.87 -6.23 27.11
CA GLN A 110 21.32 -6.41 28.45
C GLN A 110 22.23 -5.76 29.49
N GLY A 111 21.71 -4.76 30.20
CA GLY A 111 22.50 -4.09 31.22
C GLY A 111 23.30 -2.87 30.77
N VAL A 112 23.20 -2.53 29.50
CA VAL A 112 23.88 -1.37 28.94
C VAL A 112 23.04 -0.11 29.25
N LYS A 113 23.68 1.05 29.28
CA LYS A 113 22.97 2.30 29.48
C LYS A 113 22.62 2.73 28.06
N SER A 114 21.39 3.17 27.81
CA SER A 114 21.05 3.52 26.43
C SER A 114 20.32 4.85 26.24
N CYS A 115 20.64 5.54 25.15
CA CYS A 115 20.03 6.84 24.85
C CYS A 115 19.02 6.76 23.70
N HIS A 116 17.81 7.27 23.93
CA HIS A 116 16.75 7.18 22.92
C HIS A 116 16.23 8.52 22.44
N THR A 117 15.87 8.62 21.15
CA THR A 117 15.34 9.86 20.61
C THR A 117 14.05 10.27 21.31
N GLY A 118 13.21 9.28 21.63
CA GLY A 118 11.98 9.59 22.33
C GLY A 118 11.05 8.42 22.28
N LEU A 119 10.09 8.37 23.18
CA LEU A 119 9.17 7.27 23.18
C LEU A 119 8.33 7.30 21.90
N GLY A 120 8.27 6.16 21.23
CA GLY A 120 7.47 6.04 20.02
C GLY A 120 8.08 6.30 18.65
N ARG A 121 9.27 6.90 18.62
CA ARG A 121 9.89 7.21 17.34
C ARG A 121 10.56 6.02 16.62
N SER A 122 10.59 6.06 15.30
CA SER A 122 11.14 5.01 14.49
C SER A 122 12.50 4.50 14.94
N ALA A 123 13.53 5.31 14.79
CA ALA A 123 14.90 4.92 15.13
C ALA A 123 15.23 4.87 16.61
N GLY A 124 14.60 5.73 17.39
CA GLY A 124 14.88 5.74 18.80
C GLY A 124 14.08 4.77 19.63
N TRP A 125 13.00 4.23 19.08
CA TRP A 125 12.21 3.29 19.85
C TRP A 125 11.64 2.11 19.09
N ASN A 126 10.62 2.32 18.29
CA ASN A 126 9.97 1.26 17.52
C ASN A 126 10.90 0.24 16.90
N ILE A 127 11.97 0.73 16.28
CA ILE A 127 12.91 -0.15 15.62
C ILE A 127 13.91 -0.89 16.54
N PRO A 128 14.62 -0.17 17.44
CA PRO A 128 15.56 -0.91 18.30
C PRO A 128 14.83 -1.94 19.17
N ILE A 129 13.75 -1.48 19.81
CA ILE A 129 12.97 -2.35 20.69
C ILE A 129 12.37 -3.58 20.04
N GLY A 130 11.88 -3.46 18.82
CA GLY A 130 11.32 -4.60 18.13
C GLY A 130 12.43 -5.55 17.75
N THR A 131 13.66 -5.05 17.67
CA THR A 131 14.82 -5.87 17.31
C THR A 131 15.28 -6.67 18.55
N LEU A 132 15.12 -6.07 19.72
CA LEU A 132 15.53 -6.68 20.97
C LEU A 132 14.38 -7.34 21.72
N ARG A 133 13.21 -7.43 21.09
CA ARG A 133 12.06 -8.05 21.77
C ARG A 133 12.47 -9.45 22.21
N PRO A 134 13.14 -10.18 21.31
CA PRO A 134 13.60 -11.55 21.58
C PRO A 134 14.51 -11.69 22.79
N TYR A 135 15.05 -10.59 23.32
CA TYR A 135 15.91 -10.65 24.49
C TYR A 135 15.25 -9.93 25.66
N LEU A 136 14.05 -9.42 25.43
CA LEU A 136 13.35 -8.69 26.46
C LEU A 136 12.73 -9.57 27.52
N ASN A 137 12.28 -10.76 27.12
CA ASN A 137 11.59 -11.70 28.02
C ASN A 137 10.40 -10.90 28.57
N TRP A 138 9.52 -10.62 27.62
CA TRP A 138 8.31 -9.83 27.79
C TRP A 138 7.09 -10.64 27.38
N THR A 139 6.15 -10.75 28.32
CA THR A 139 4.90 -11.48 28.13
C THR A 139 4.20 -11.15 26.82
N GLY A 140 4.21 -9.88 26.44
CA GLY A 140 3.52 -9.44 25.25
C GLY A 140 2.63 -8.34 25.80
N PRO A 141 1.72 -7.79 25.00
CA PRO A 141 0.78 -6.71 25.35
C PRO A 141 0.25 -6.49 26.76
N PRO A 142 -0.37 -7.51 27.40
CA PRO A 142 -0.87 -7.27 28.78
C PRO A 142 0.11 -6.49 29.67
N GLU A 143 1.36 -6.96 29.74
CA GLU A 143 2.43 -6.35 30.52
C GLU A 143 3.03 -5.17 29.72
N PRO A 144 3.04 -3.95 30.29
CA PRO A 144 3.55 -2.75 29.63
C PRO A 144 4.96 -2.89 29.11
N LEU A 145 5.15 -2.57 27.83
CA LEU A 145 6.45 -2.65 27.18
C LEU A 145 7.49 -1.82 27.92
N GLN A 146 7.07 -0.67 28.44
CA GLN A 146 8.00 0.14 29.17
C GLN A 146 8.54 -0.58 30.39
N LYS A 147 7.77 -1.51 30.96
CA LYS A 147 8.26 -2.30 32.11
C LYS A 147 9.35 -3.24 31.63
N ALA A 148 9.22 -3.70 30.40
CA ALA A 148 10.22 -4.60 29.81
C ALA A 148 11.53 -3.85 29.53
N VAL A 149 11.46 -2.77 28.75
CA VAL A 149 12.65 -1.99 28.43
C VAL A 149 13.32 -1.49 29.69
N ALA A 150 12.53 -1.04 30.66
CA ALA A 150 13.10 -0.54 31.93
C ALA A 150 13.92 -1.59 32.68
N ASN A 151 13.57 -2.87 32.52
CA ASN A 151 14.26 -3.98 33.19
C ASN A 151 15.51 -4.47 32.45
N PHE A 152 15.52 -4.25 31.13
CA PHE A 152 16.61 -4.64 30.23
C PHE A 152 17.80 -3.67 30.27
N PHE A 153 17.53 -2.37 30.19
CA PHE A 153 18.59 -1.35 30.22
C PHE A 153 18.82 -0.86 31.62
N SER A 154 20.07 -0.74 32.00
CA SER A 154 20.44 -0.28 33.34
C SER A 154 19.97 1.11 33.69
N ALA A 155 19.72 1.92 32.67
CA ALA A 155 19.27 3.30 32.86
C ALA A 155 19.27 3.83 31.46
N SER A 156 18.32 4.72 31.18
CA SER A 156 18.20 5.28 29.85
C SER A 156 17.60 6.68 29.84
N CYS A 157 17.54 7.27 28.64
CA CYS A 157 16.89 8.56 28.43
C CYS A 157 15.95 8.35 27.25
N VAL A 158 14.70 8.07 27.58
CA VAL A 158 13.71 7.85 26.58
C VAL A 158 12.75 8.95 26.85
N PRO A 159 12.93 10.11 26.24
CA PRO A 159 11.98 11.18 26.51
C PRO A 159 10.56 10.68 26.22
N CYS A 160 9.60 11.29 26.90
CA CYS A 160 8.20 10.94 26.77
C CYS A 160 7.90 9.64 27.51
N ALA A 161 8.91 9.10 28.20
CA ALA A 161 8.74 7.88 28.99
C ALA A 161 8.16 8.21 30.33
N ASP A 162 7.46 7.23 30.90
CA ASP A 162 6.83 7.39 32.21
C ASP A 162 7.88 7.33 33.34
N GLY A 163 8.60 8.43 33.56
CA GLY A 163 9.61 8.47 34.60
C GLY A 163 9.13 8.22 36.03
N LYS A 164 7.82 8.23 36.24
CA LYS A 164 7.25 7.99 37.57
C LYS A 164 7.16 6.50 37.83
N GLN A 165 6.49 5.79 36.94
CA GLN A 165 6.37 4.35 37.08
C GLN A 165 7.65 3.63 36.65
N TYR A 166 8.35 4.19 35.66
CA TYR A 166 9.59 3.60 35.13
C TYR A 166 10.76 4.62 35.08
N PRO A 167 11.21 5.07 36.26
CA PRO A 167 12.31 6.05 36.38
C PRO A 167 13.62 5.67 35.74
N ASN A 168 13.87 4.38 35.53
CA ASN A 168 15.11 3.93 34.90
C ASN A 168 15.12 4.38 33.46
N LEU A 169 13.91 4.59 32.93
CA LEU A 169 13.70 5.01 31.54
C LEU A 169 14.02 6.48 31.36
N CYS A 170 13.99 7.23 32.45
CA CYS A 170 14.26 8.66 32.43
C CYS A 170 15.57 9.02 33.12
N ARG A 171 16.08 8.06 33.89
CA ARG A 171 17.30 8.22 34.68
C ARG A 171 18.51 8.91 34.04
N LEU A 172 18.81 8.62 32.77
CA LEU A 172 19.96 9.25 32.15
C LEU A 172 19.67 10.65 31.62
N CYS A 173 18.40 11.04 31.59
CA CYS A 173 18.05 12.36 31.07
C CYS A 173 18.53 13.51 31.94
N ALA A 174 19.18 14.46 31.27
CA ALA A 174 19.65 15.66 31.92
C ALA A 174 18.47 16.53 31.59
N GLY A 175 17.97 17.25 32.58
CA GLY A 175 16.85 18.13 32.38
C GLY A 175 16.74 18.78 33.73
N THR A 176 16.22 20.00 33.81
CA THR A 176 16.13 20.63 35.13
C THR A 176 15.13 19.84 35.99
N GLU A 177 14.45 20.55 36.88
CA GLU A 177 13.51 19.90 37.77
C GLU A 177 12.50 19.06 36.98
N ALA A 178 11.47 19.70 36.46
CA ALA A 178 10.45 18.99 35.71
C ALA A 178 10.79 18.92 34.22
N ASP A 179 11.92 19.51 33.85
CA ASP A 179 12.39 19.51 32.46
C ASP A 179 12.87 18.09 32.13
N LYS A 180 13.49 17.45 33.12
CA LYS A 180 14.03 16.11 32.95
C LYS A 180 13.09 15.16 32.22
N CYS A 181 13.63 14.47 31.22
CA CYS A 181 12.85 13.51 30.44
C CYS A 181 11.67 14.13 29.67
N ALA A 182 11.69 15.43 29.43
CA ALA A 182 10.60 16.07 28.70
C ALA A 182 10.48 15.56 27.28
N CYS A 183 9.27 15.66 26.72
CA CYS A 183 8.98 15.17 25.38
C CYS A 183 9.10 16.27 24.37
N SER A 184 10.06 17.15 24.60
CA SER A 184 10.35 18.28 23.73
C SER A 184 11.82 18.61 23.95
N SER A 185 12.34 19.59 23.20
CA SER A 185 13.74 19.96 23.31
C SER A 185 14.11 20.62 24.66
N GLN A 186 13.19 20.55 25.62
CA GLN A 186 13.42 21.06 26.97
C GLN A 186 14.40 20.08 27.60
N GLU A 187 14.16 18.81 27.29
CA GLU A 187 15.00 17.74 27.74
C GLU A 187 16.12 17.75 26.72
N PRO A 188 17.33 18.14 27.13
CA PRO A 188 18.48 18.19 26.23
C PRO A 188 18.80 16.88 25.55
N TYR A 189 18.26 15.77 26.04
CA TYR A 189 18.57 14.48 25.44
C TYR A 189 17.56 13.96 24.44
N PHE A 190 16.67 14.84 24.03
CA PHE A 190 15.61 14.51 23.10
C PHE A 190 16.00 14.71 21.64
N GLY A 191 15.63 13.74 20.82
CA GLY A 191 15.88 13.82 19.40
C GLY A 191 17.15 13.17 18.94
N TYR A 192 17.39 13.11 17.69
CA TYR A 192 18.59 12.51 17.10
C TYR A 192 19.84 13.05 17.72
N SER A 193 19.83 14.38 17.78
CA SER A 193 21.01 15.01 18.36
C SER A 193 21.12 14.81 19.84
N GLY A 194 19.98 14.80 20.53
CA GLY A 194 19.99 14.61 21.97
C GLY A 194 20.50 13.22 22.35
N ALA A 195 19.93 12.20 21.71
CA ALA A 195 20.37 10.86 21.94
C ALA A 195 21.86 10.78 21.63
N PHE A 196 22.38 11.58 20.69
CA PHE A 196 23.83 11.55 20.39
C PHE A 196 24.69 12.12 21.51
N LYS A 197 24.31 13.30 22.00
CA LYS A 197 25.05 13.92 23.07
C LYS A 197 25.01 13.02 24.30
N CYS A 198 23.85 12.42 24.55
CA CYS A 198 23.71 11.50 25.68
C CYS A 198 24.76 10.41 25.57
N LEU A 199 25.10 10.04 24.34
CA LEU A 199 26.12 9.04 24.07
C LEU A 199 27.49 9.67 24.30
N GLU A 200 27.81 10.68 23.49
CA GLU A 200 29.09 11.38 23.55
C GLU A 200 29.50 11.97 24.91
N ASN A 201 28.54 12.26 25.77
CA ASN A 201 28.85 12.79 27.09
C ASN A 201 29.05 11.66 28.09
N GLY A 202 29.09 10.41 27.60
CA GLY A 202 29.27 9.26 28.47
C GLY A 202 28.12 8.93 29.41
N ALA A 203 26.92 9.45 29.11
CA ALA A 203 25.75 9.16 29.92
C ALA A 203 25.23 7.78 29.53
N GLY A 204 25.32 7.45 28.25
CA GLY A 204 24.85 6.16 27.78
C GLY A 204 25.94 5.48 26.97
N ASP A 205 25.75 4.21 26.66
CA ASP A 205 26.72 3.41 25.90
C ASP A 205 26.32 3.16 24.45
N VAL A 206 25.03 3.31 24.14
CA VAL A 206 24.50 3.10 22.78
C VAL A 206 23.44 4.16 22.51
N ALA A 207 23.44 4.68 21.28
CA ALA A 207 22.47 5.69 20.88
C ALA A 207 21.71 5.18 19.70
N PHE A 208 20.41 5.28 19.79
CA PHE A 208 19.57 4.83 18.70
C PHE A 208 19.16 6.07 17.94
N VAL A 209 19.74 6.22 16.76
CA VAL A 209 19.51 7.40 15.97
C VAL A 209 19.42 7.13 14.49
N LYS A 210 19.49 8.21 13.71
CA LYS A 210 19.41 8.24 12.25
C LYS A 210 20.84 8.07 11.69
N ASP A 211 20.96 7.70 10.42
CA ASP A 211 22.26 7.53 9.74
C ASP A 211 23.12 8.80 9.58
N SER A 212 22.49 9.95 9.59
CA SER A 212 23.19 11.23 9.42
C SER A 212 23.71 11.81 10.73
N THR A 213 22.94 11.60 11.79
CA THR A 213 23.25 12.10 13.13
C THR A 213 24.74 12.21 13.46
N VAL A 214 25.52 11.15 13.26
CA VAL A 214 26.94 11.19 13.57
C VAL A 214 27.66 12.25 12.77
N PHE A 215 27.39 12.29 11.47
CA PHE A 215 28.02 13.24 10.55
C PHE A 215 27.55 14.67 10.77
N GLU A 216 26.32 14.81 11.26
CA GLU A 216 25.78 16.13 11.51
C GLU A 216 26.47 16.70 12.73
N ASN A 217 26.83 15.85 13.67
CA ASN A 217 27.47 16.35 14.88
C ASN A 217 28.99 16.35 14.82
N LEU A 218 29.58 15.45 14.03
CA LEU A 218 31.02 15.36 13.90
C LEU A 218 31.40 15.59 12.46
N PRO A 219 31.58 16.85 12.07
CA PRO A 219 31.95 17.28 10.73
C PRO A 219 33.33 16.81 10.36
N ASP A 220 34.09 16.34 11.34
CA ASP A 220 35.45 15.89 11.10
C ASP A 220 35.68 14.40 11.20
N GLU A 221 36.07 13.79 10.08
CA GLU A 221 36.33 12.35 10.03
C GLU A 221 37.15 11.77 11.20
N ALA A 222 38.01 12.58 11.78
CA ALA A 222 38.84 12.13 12.89
C ALA A 222 37.98 11.87 14.10
N GLU A 223 36.95 12.68 14.26
CA GLU A 223 36.02 12.56 15.37
C GLU A 223 35.14 11.35 15.18
N ARG A 224 34.66 11.19 13.97
CA ARG A 224 33.78 10.08 13.67
C ARG A 224 34.44 8.74 13.90
N ASP A 225 35.75 8.68 13.74
CA ASP A 225 36.47 7.43 13.95
C ASP A 225 36.49 6.95 15.40
N LYS A 226 36.00 7.77 16.31
CA LYS A 226 35.93 7.37 17.71
C LYS A 226 34.61 6.61 17.88
N TYR A 227 33.82 6.50 16.81
CA TYR A 227 32.52 5.83 16.86
C TYR A 227 32.31 4.67 15.88
N GLU A 228 31.35 3.83 16.20
CA GLU A 228 31.06 2.67 15.38
C GLU A 228 29.57 2.41 15.43
N LEU A 229 29.15 1.43 14.60
CA LEU A 229 27.75 1.02 14.51
C LEU A 229 27.61 -0.48 14.81
N LEU A 230 26.56 -0.81 15.56
CA LEU A 230 26.23 -2.18 15.90
C LEU A 230 25.40 -2.76 14.76
N CYS A 231 25.96 -3.70 14.00
CA CYS A 231 25.23 -4.31 12.89
C CYS A 231 24.38 -5.46 13.42
N PRO A 232 23.18 -5.66 12.85
CA PRO A 232 22.24 -6.72 13.24
C PRO A 232 22.77 -8.15 13.13
N ASP A 233 24.02 -8.28 12.69
CA ASP A 233 24.70 -9.57 12.55
C ASP A 233 25.80 -9.66 13.61
N ASN A 234 25.64 -8.87 14.66
CA ASN A 234 26.58 -8.83 15.75
C ASN A 234 28.03 -8.60 15.42
N THR A 235 28.25 -7.62 14.55
CA THR A 235 29.58 -7.21 14.19
C THR A 235 29.47 -5.71 14.34
N ARG A 236 30.60 -5.01 14.30
CA ARG A 236 30.60 -3.56 14.42
C ARG A 236 31.23 -2.98 13.19
N LYS A 237 30.53 -2.06 12.55
CA LYS A 237 31.07 -1.43 11.36
C LYS A 237 31.13 0.08 11.55
N PRO A 238 31.99 0.75 10.77
CA PRO A 238 32.16 2.20 10.87
C PRO A 238 30.88 2.94 10.60
N VAL A 239 30.80 4.14 11.15
CA VAL A 239 29.64 4.96 10.98
C VAL A 239 29.25 5.25 9.54
N ASP A 240 30.18 5.18 8.60
CA ASP A 240 29.79 5.46 7.23
C ASP A 240 29.18 4.28 6.53
N ALA A 241 29.11 3.16 7.24
CA ALA A 241 28.59 1.93 6.67
C ALA A 241 27.13 1.62 6.98
N PHE A 242 26.35 2.66 7.30
CA PHE A 242 24.94 2.49 7.63
C PHE A 242 24.14 1.75 6.58
N LYS A 243 24.59 1.78 5.34
CA LYS A 243 23.89 1.10 4.26
C LYS A 243 23.89 -0.38 4.49
N GLU A 244 24.96 -0.84 5.13
CA GLU A 244 25.16 -2.24 5.47
C GLU A 244 24.86 -2.54 6.95
N CYS A 245 25.08 -1.54 7.79
CA CYS A 245 24.93 -1.70 9.22
C CYS A 245 23.80 -0.89 9.84
N HIS A 246 22.56 -1.27 9.55
CA HIS A 246 21.42 -0.55 10.11
C HIS A 246 20.43 -1.50 10.72
N LEU A 247 19.61 -1.05 11.66
CA LEU A 247 18.62 -1.96 12.21
C LEU A 247 17.42 -2.01 11.27
N ALA A 248 17.21 -0.94 10.49
CA ALA A 248 16.11 -0.86 9.53
C ALA A 248 16.17 0.40 8.68
N ARG A 249 15.28 0.45 7.69
CA ARG A 249 15.13 1.58 6.77
C ARG A 249 13.68 2.07 6.89
N VAL A 250 13.48 3.20 7.55
CA VAL A 250 12.15 3.72 7.79
C VAL A 250 11.76 4.85 6.87
N PRO A 251 10.45 5.11 6.73
CA PRO A 251 10.02 6.20 5.87
C PRO A 251 10.26 7.51 6.62
N SER A 252 10.50 8.57 5.85
CA SER A 252 10.80 9.88 6.39
C SER A 252 9.65 10.47 7.18
N HIS A 253 9.98 11.49 7.95
CA HIS A 253 9.02 12.24 8.77
C HIS A 253 8.04 12.89 7.83
N ALA A 254 6.87 13.35 8.33
CA ALA A 254 5.88 13.91 7.43
C ALA A 254 4.97 14.86 8.13
N VAL A 255 4.49 15.81 7.33
CA VAL A 255 3.58 16.83 7.79
C VAL A 255 2.24 16.13 7.69
N VAL A 256 1.52 16.08 8.79
CA VAL A 256 0.24 15.42 8.85
C VAL A 256 -0.87 16.47 9.00
N ALA A 257 -2.08 16.13 8.54
CA ALA A 257 -3.24 17.02 8.59
C ALA A 257 -4.50 16.18 8.79
N ARG A 258 -5.62 16.80 9.13
CA ARG A 258 -6.87 16.06 9.33
C ARG A 258 -7.27 15.36 8.07
N SER A 259 -7.97 14.23 8.21
CA SER A 259 -8.45 13.49 7.04
C SER A 259 -9.63 14.21 6.37
N VAL A 260 -10.42 14.90 7.17
CA VAL A 260 -11.56 15.64 6.64
C VAL A 260 -11.39 17.08 7.04
N ASP A 261 -11.45 17.98 6.06
CA ASP A 261 -11.32 19.43 6.25
C ASP A 261 -9.97 19.79 6.86
N GLY A 262 -8.91 19.19 6.32
CA GLY A 262 -7.59 19.44 6.84
C GLY A 262 -6.81 20.54 6.17
N ARG A 263 -7.40 21.08 5.10
CA ARG A 263 -6.79 22.16 4.38
C ARG A 263 -5.47 21.76 3.77
N GLU A 264 -5.44 20.59 3.14
CA GLU A 264 -4.19 20.15 2.52
C GLU A 264 -3.63 21.15 1.53
N ASP A 265 -4.51 21.82 0.81
CA ASP A 265 -4.08 22.81 -0.18
C ASP A 265 -3.37 24.00 0.49
N LEU A 266 -3.88 24.44 1.62
CA LEU A 266 -3.27 25.55 2.34
C LEU A 266 -1.88 25.17 2.80
N ILE A 267 -1.81 23.99 3.42
CA ILE A 267 -0.56 23.44 3.93
C ILE A 267 0.46 23.26 2.80
N TRP A 268 0.04 22.73 1.66
CA TRP A 268 1.00 22.54 0.59
C TRP A 268 1.50 23.84 -0.01
N LYS A 269 0.62 24.82 -0.10
CA LYS A 269 1.02 26.09 -0.67
C LYS A 269 2.07 26.74 0.24
N LEU A 270 1.83 26.63 1.53
CA LEU A 270 2.74 27.15 2.54
C LEU A 270 4.12 26.52 2.39
N LEU A 271 4.16 25.20 2.47
CA LEU A 271 5.41 24.48 2.38
C LEU A 271 6.08 24.69 1.04
N HIS A 272 5.30 24.77 -0.03
CA HIS A 272 5.93 24.97 -1.33
C HIS A 272 6.61 26.31 -1.32
N ARG A 273 5.98 27.31 -0.71
CA ARG A 273 6.55 28.65 -0.65
C ARG A 273 7.76 28.70 0.21
N ALA A 274 7.69 28.01 1.32
CA ALA A 274 8.77 27.95 2.26
C ALA A 274 10.08 27.38 1.68
N GLN A 275 10.05 26.26 0.95
CA GLN A 275 11.30 25.71 0.40
C GLN A 275 11.97 26.70 -0.52
N GLU A 276 11.17 27.17 -1.49
CA GLU A 276 11.56 28.11 -2.51
C GLU A 276 12.16 29.37 -1.93
N GLU A 277 11.55 29.86 -0.87
CA GLU A 277 11.98 31.08 -0.25
C GLU A 277 13.04 30.94 0.84
N PHE A 278 12.99 29.86 1.62
CA PHE A 278 13.94 29.67 2.72
C PHE A 278 14.58 28.31 2.89
N GLY A 279 14.47 27.48 1.86
CA GLY A 279 15.05 26.16 1.94
C GLY A 279 16.55 26.23 1.80
N ARG A 280 17.10 25.23 1.12
CA ARG A 280 18.53 25.14 0.86
C ARG A 280 19.12 26.44 0.30
N ASN A 281 19.82 27.21 1.14
CA ASN A 281 20.49 28.48 0.76
C ASN A 281 19.72 29.49 -0.11
N LYS A 282 18.39 29.41 -0.13
CA LYS A 282 17.63 30.36 -0.92
C LYS A 282 17.92 31.70 -0.30
N SER A 283 17.53 31.84 0.96
CA SER A 283 17.71 33.08 1.68
C SER A 283 18.80 33.02 2.72
N SER A 284 18.93 34.14 3.43
CA SER A 284 19.87 34.30 4.52
C SER A 284 19.07 34.94 5.65
N ALA A 285 17.97 35.59 5.28
CA ALA A 285 17.08 36.23 6.24
C ALA A 285 16.43 35.24 7.22
N PHE A 286 16.23 34.01 6.75
CA PHE A 286 15.60 32.94 7.52
C PHE A 286 15.90 31.66 6.79
N GLN A 287 16.24 30.61 7.54
CA GLN A 287 16.55 29.30 6.95
C GLN A 287 15.54 28.37 7.62
N LEU A 288 14.77 27.65 6.82
CA LEU A 288 13.73 26.77 7.33
C LEU A 288 14.29 25.53 7.96
N PHE A 289 15.24 24.92 7.27
CA PHE A 289 15.88 23.70 7.72
C PHE A 289 17.20 23.95 8.48
N GLY A 290 17.15 24.91 9.41
CA GLY A 290 18.29 25.27 10.23
C GLY A 290 17.72 25.61 11.60
N SER A 291 18.42 25.27 12.68
CA SER A 291 17.91 25.58 14.02
C SER A 291 19.04 26.09 14.88
N THR A 292 18.71 26.48 16.10
CA THR A 292 19.70 26.95 17.05
C THR A 292 20.53 25.74 17.51
N PRO A 293 21.77 25.96 17.98
CA PRO A 293 22.65 24.88 18.45
C PRO A 293 22.11 24.20 19.72
N GLY A 294 21.59 25.01 20.64
CA GLY A 294 21.05 24.49 21.88
C GLY A 294 20.13 23.33 21.57
N GLU A 295 19.15 23.56 20.70
CA GLU A 295 18.20 22.51 20.34
C GLU A 295 18.07 22.43 18.85
N GLN A 296 18.12 21.20 18.35
CA GLN A 296 18.03 20.91 16.93
C GLN A 296 16.64 20.44 16.43
N ASP A 297 16.53 20.20 15.12
CA ASP A 297 15.30 19.76 14.48
C ASP A 297 14.12 20.54 15.01
N LEU A 298 14.06 21.83 14.74
CA LEU A 298 12.95 22.61 15.24
C LEU A 298 11.94 22.73 14.12
N LEU A 299 10.71 22.32 14.39
CA LEU A 299 9.63 22.35 13.41
C LEU A 299 9.89 21.35 12.30
N PHE A 300 11.12 21.29 11.80
CA PHE A 300 11.48 20.36 10.73
C PHE A 300 12.86 19.78 10.94
N LYS A 301 13.18 18.76 10.14
CA LYS A 301 14.47 18.11 10.23
C LYS A 301 15.55 18.95 9.59
N ASP A 302 16.45 19.44 10.44
CA ASP A 302 17.57 20.26 10.01
C ASP A 302 18.30 19.58 8.89
N SER A 303 18.53 20.36 7.84
CA SER A 303 19.20 19.93 6.62
C SER A 303 18.40 19.04 5.71
N ALA A 304 17.06 19.03 5.86
CA ALA A 304 16.24 18.24 4.95
C ALA A 304 16.27 19.08 3.67
N LEU A 305 16.24 18.45 2.51
CA LEU A 305 16.29 19.18 1.24
C LEU A 305 15.01 19.91 0.93
N GLY A 306 13.89 19.38 1.43
CA GLY A 306 12.60 19.99 1.19
C GLY A 306 11.50 18.98 1.43
N PHE A 307 10.38 19.16 0.73
CA PHE A 307 9.22 18.28 0.85
C PHE A 307 8.74 17.83 -0.52
N VAL A 308 7.87 16.82 -0.52
CA VAL A 308 7.25 16.24 -1.69
C VAL A 308 5.79 16.10 -1.31
N ARG A 309 4.87 16.47 -2.20
CA ARG A 309 3.48 16.34 -1.83
C ARG A 309 3.09 14.87 -1.84
N ILE A 310 2.39 14.43 -0.79
CA ILE A 310 1.94 13.07 -0.71
C ILE A 310 0.56 13.02 -1.34
N PRO A 311 0.41 12.24 -2.41
CA PRO A 311 -0.89 12.11 -3.09
C PRO A 311 -2.00 11.87 -2.08
N SER A 312 -3.24 12.13 -2.49
CA SER A 312 -4.40 12.01 -1.62
C SER A 312 -4.92 10.63 -1.15
N GLN A 313 -4.90 9.59 -1.98
CA GLN A 313 -5.39 8.32 -1.46
C GLN A 313 -4.56 7.87 -0.25
N ILE A 314 -3.26 8.12 -0.31
CA ILE A 314 -2.37 7.70 0.74
C ILE A 314 -2.70 8.06 2.18
N ASP A 315 -2.86 7.04 2.99
CA ASP A 315 -3.13 7.21 4.40
C ASP A 315 -1.85 6.78 5.11
N SER A 316 -1.85 6.85 6.43
CA SER A 316 -0.64 6.46 7.16
C SER A 316 -0.19 5.01 6.93
N GLY A 317 -1.15 4.09 6.90
CA GLY A 317 -0.85 2.68 6.70
C GLY A 317 -0.11 2.43 5.42
N LEU A 318 -0.56 3.06 4.34
CA LEU A 318 0.09 2.91 3.04
C LEU A 318 1.36 3.74 2.99
N TYR A 319 1.36 4.85 3.69
CA TYR A 319 2.54 5.71 3.70
C TYR A 319 3.70 4.93 4.32
N LEU A 320 3.45 4.35 5.49
CA LEU A 320 4.46 3.58 6.21
C LEU A 320 4.80 2.28 5.48
N GLY A 321 3.79 1.56 5.01
CA GLY A 321 4.07 0.32 4.31
C GLY A 321 3.95 -0.92 5.17
N ALA A 322 3.89 -2.08 4.54
CA ALA A 322 3.74 -3.33 5.28
C ALA A 322 4.85 -3.50 6.29
N ASN A 323 6.08 -3.58 5.80
CA ASN A 323 7.21 -3.78 6.67
C ASN A 323 7.23 -2.94 7.93
N TYR A 324 6.96 -1.65 7.82
CA TYR A 324 6.97 -0.83 9.02
C TYR A 324 5.74 -1.09 9.88
N LEU A 325 4.58 -1.19 9.25
CA LEU A 325 3.33 -1.42 9.97
C LEU A 325 3.38 -2.68 10.76
N THR A 326 3.83 -3.75 10.13
CA THR A 326 3.89 -5.02 10.82
C THR A 326 4.72 -4.86 12.08
N ALA A 327 5.98 -4.44 11.95
CA ALA A 327 6.84 -4.25 13.13
C ALA A 327 6.25 -3.34 14.21
N THR A 328 5.55 -2.26 13.82
CA THR A 328 4.94 -1.40 14.82
C THR A 328 3.77 -2.14 15.45
N GLN A 329 2.86 -2.67 14.65
CA GLN A 329 1.73 -3.41 15.20
C GLN A 329 2.23 -4.58 16.05
N ASN A 330 3.39 -5.12 15.68
CA ASN A 330 3.96 -6.27 16.38
C ASN A 330 4.36 -6.00 17.83
N LEU A 331 4.73 -4.78 18.15
CA LEU A 331 5.08 -4.45 19.52
C LEU A 331 3.84 -4.30 20.36
N ARG A 332 2.67 -4.46 19.76
CA ARG A 332 1.45 -4.37 20.55
C ARG A 332 0.63 -5.65 20.41
N GLU A 333 1.30 -6.71 19.94
CA GLU A 333 0.65 -7.98 19.77
C GLU A 333 1.50 -9.07 20.44
N THR A 334 0.85 -10.12 20.91
CA THR A 334 1.54 -11.20 21.59
C THR A 334 2.37 -12.05 20.63
N ALA A 335 3.32 -12.82 21.18
CA ALA A 335 4.19 -13.69 20.40
C ALA A 335 3.34 -14.70 19.66
N ALA A 336 2.35 -15.24 20.36
CA ALA A 336 1.46 -16.21 19.74
C ALA A 336 0.69 -15.57 18.56
N GLU A 337 0.33 -14.28 18.69
CA GLU A 337 -0.41 -13.52 17.66
C GLU A 337 0.39 -13.27 16.40
N VAL A 338 1.61 -12.78 16.60
CA VAL A 338 2.55 -12.48 15.54
C VAL A 338 2.86 -13.75 14.74
N ALA A 339 3.34 -14.79 15.42
CA ALA A 339 3.65 -16.07 14.77
C ALA A 339 2.42 -16.66 14.07
N ALA A 340 1.24 -16.49 14.66
CA ALA A 340 0.03 -17.00 14.06
C ALA A 340 -0.17 -16.38 12.69
N ARG A 341 -0.10 -15.05 12.66
CA ARG A 341 -0.25 -14.28 11.43
C ARG A 341 0.74 -14.69 10.36
N ARG A 342 2.00 -14.80 10.77
CA ARG A 342 3.05 -15.19 9.86
C ARG A 342 2.86 -16.57 9.22
N GLU A 343 2.07 -17.45 9.85
CA GLU A 343 1.88 -18.81 9.31
C GLU A 343 0.63 -19.01 8.49
N ARG A 344 -0.39 -18.20 8.74
CA ARG A 344 -1.57 -18.33 7.95
C ARG A 344 -1.37 -17.55 6.64
N VAL A 345 -2.43 -17.43 5.87
CA VAL A 345 -2.43 -16.71 4.61
C VAL A 345 -3.76 -15.99 4.61
N VAL A 346 -3.72 -14.68 4.49
CA VAL A 346 -4.96 -13.92 4.47
C VAL A 346 -5.30 -13.59 3.04
N TRP A 347 -6.45 -14.07 2.57
CA TRP A 347 -6.91 -13.81 1.22
C TRP A 347 -7.78 -12.54 1.24
N CYS A 348 -7.77 -11.79 0.16
CA CYS A 348 -8.57 -10.58 0.13
C CYS A 348 -9.71 -10.86 -0.82
N ALA A 349 -10.92 -10.93 -0.28
CA ALA A 349 -12.07 -11.21 -1.11
C ALA A 349 -12.71 -9.88 -1.52
N VAL A 350 -13.17 -9.78 -2.76
CA VAL A 350 -13.77 -8.54 -3.27
C VAL A 350 -15.30 -8.62 -3.27
N GLY A 351 -15.91 -7.96 -2.30
CA GLY A 351 -17.34 -7.99 -2.22
C GLY A 351 -17.86 -9.14 -1.36
N PRO A 352 -19.14 -9.06 -0.99
CA PRO A 352 -19.93 -9.99 -0.16
C PRO A 352 -19.93 -11.48 -0.53
N GLU A 353 -20.08 -11.81 -1.80
CA GLU A 353 -20.10 -13.21 -2.14
C GLU A 353 -18.76 -13.88 -2.02
N GLU A 354 -17.69 -13.18 -2.36
CA GLU A 354 -16.38 -13.78 -2.27
C GLU A 354 -15.98 -14.02 -0.84
N GLU A 355 -16.39 -13.11 0.03
CA GLU A 355 -16.11 -13.23 1.45
C GLU A 355 -16.78 -14.47 2.05
N ARG A 356 -18.04 -14.74 1.67
CA ARG A 356 -18.74 -15.91 2.18
C ARG A 356 -17.93 -17.10 1.77
N LYS A 357 -17.63 -17.22 0.46
CA LYS A 357 -16.82 -18.34 -0.05
C LYS A 357 -15.46 -18.42 0.62
N CYS A 358 -14.89 -17.27 0.91
CA CYS A 358 -13.62 -17.28 1.58
C CYS A 358 -13.84 -17.87 2.97
N LYS A 359 -14.95 -17.48 3.62
CA LYS A 359 -15.27 -18.00 4.96
C LYS A 359 -15.26 -19.52 4.92
N GLN A 360 -15.93 -20.10 3.92
CA GLN A 360 -15.98 -21.55 3.77
C GLN A 360 -14.57 -22.11 3.69
N TRP A 361 -13.75 -21.50 2.84
CA TRP A 361 -12.38 -21.91 2.64
C TRP A 361 -11.58 -21.85 3.94
N SER A 362 -11.83 -20.83 4.76
CA SER A 362 -11.10 -20.69 6.01
C SER A 362 -11.45 -21.81 6.97
N ASP A 363 -12.75 -22.01 7.18
CA ASP A 363 -13.26 -23.02 8.09
C ASP A 363 -12.84 -24.41 7.68
N VAL A 364 -12.91 -24.66 6.39
CA VAL A 364 -12.55 -25.94 5.85
C VAL A 364 -11.05 -26.21 5.84
N SER A 365 -10.22 -25.17 5.94
CA SER A 365 -8.76 -25.36 5.94
C SER A 365 -8.17 -25.39 7.35
N ASN A 366 -9.03 -25.21 8.33
CA ASN A 366 -8.61 -25.21 9.72
C ASN A 366 -7.76 -23.98 10.00
N ARG A 367 -8.18 -22.89 9.38
CA ARG A 367 -7.54 -21.59 9.46
C ARG A 367 -6.10 -21.40 9.01
N LYS A 368 -5.69 -22.20 8.04
CA LYS A 368 -4.39 -22.01 7.44
C LYS A 368 -4.62 -20.77 6.60
N VAL A 369 -5.86 -20.61 6.13
CA VAL A 369 -6.25 -19.47 5.31
C VAL A 369 -7.34 -18.68 6.04
N ALA A 370 -7.15 -17.37 6.20
CA ALA A 370 -8.15 -16.50 6.83
C ALA A 370 -8.51 -15.43 5.78
N CYS A 371 -9.51 -14.60 6.05
CA CYS A 371 -9.95 -13.64 5.04
C CYS A 371 -9.93 -12.16 5.38
N ALA A 372 -9.88 -11.36 4.33
CA ALA A 372 -9.91 -9.94 4.47
C ALA A 372 -10.80 -9.55 3.32
N SER A 373 -11.59 -8.49 3.49
CA SER A 373 -12.47 -8.07 2.42
C SER A 373 -12.53 -6.58 2.18
N ALA A 374 -12.88 -6.24 0.93
CA ALA A 374 -13.03 -4.87 0.44
C ALA A 374 -14.07 -4.85 -0.71
N SER A 375 -14.63 -3.68 -0.99
CA SER A 375 -15.65 -3.49 -2.06
C SER A 375 -15.12 -3.56 -3.49
N THR A 376 -13.83 -3.32 -3.65
CA THR A 376 -13.20 -3.32 -4.96
C THR A 376 -11.82 -3.89 -4.92
N THR A 377 -11.34 -4.24 -6.10
CA THR A 377 -10.02 -4.80 -6.29
C THR A 377 -8.88 -3.85 -5.85
N GLU A 378 -9.03 -2.54 -6.06
CA GLU A 378 -7.97 -1.60 -5.67
C GLU A 378 -7.84 -1.65 -4.17
N GLU A 379 -8.97 -1.61 -3.50
CA GLU A 379 -8.94 -1.67 -2.05
C GLU A 379 -8.21 -2.90 -1.58
N CYS A 380 -8.45 -4.05 -2.19
CA CYS A 380 -7.75 -5.25 -1.76
C CYS A 380 -6.24 -5.13 -1.93
N ILE A 381 -5.81 -4.58 -3.08
CA ILE A 381 -4.38 -4.39 -3.35
C ILE A 381 -3.78 -3.50 -2.30
N ALA A 382 -4.48 -2.44 -1.91
CA ALA A 382 -3.97 -1.55 -0.87
C ALA A 382 -3.79 -2.38 0.41
N LEU A 383 -4.79 -3.22 0.72
CA LEU A 383 -4.75 -4.07 1.91
C LEU A 383 -3.48 -4.92 1.85
N VAL A 384 -3.17 -5.47 0.68
CA VAL A 384 -1.96 -6.25 0.52
C VAL A 384 -0.76 -5.32 0.80
N LEU A 385 -0.81 -4.07 0.36
CA LEU A 385 0.30 -3.14 0.59
C LEU A 385 0.41 -2.67 2.03
N LYS A 386 -0.69 -2.62 2.77
CA LYS A 386 -0.63 -2.21 4.18
C LYS A 386 -0.09 -3.37 5.01
N GLY A 387 -0.30 -4.57 4.47
CA GLY A 387 0.12 -5.81 5.12
C GLY A 387 -1.07 -6.45 5.84
N GLU A 388 -2.30 -6.08 5.48
CA GLU A 388 -3.46 -6.63 6.13
C GLU A 388 -4.08 -7.80 5.43
N ALA A 389 -3.58 -8.13 4.25
CA ALA A 389 -4.09 -9.25 3.48
C ALA A 389 -2.83 -9.83 2.86
N ASP A 390 -2.81 -11.07 2.41
CA ASP A 390 -1.60 -11.60 1.80
C ASP A 390 -1.65 -11.80 0.30
N ALA A 391 -2.83 -12.05 -0.26
CA ALA A 391 -2.89 -12.24 -1.70
C ALA A 391 -4.31 -12.17 -2.26
N LEU A 392 -4.41 -12.28 -3.58
CA LEU A 392 -5.68 -12.33 -4.31
C LEU A 392 -5.36 -12.62 -5.74
N ASN A 393 -6.29 -13.27 -6.41
CA ASN A 393 -6.14 -13.65 -7.80
C ASN A 393 -6.57 -12.42 -8.58
N LEU A 394 -5.79 -12.00 -9.55
CA LEU A 394 -6.08 -10.82 -10.33
C LEU A 394 -6.10 -11.04 -11.81
N ASP A 395 -6.81 -10.18 -12.50
CA ASP A 395 -6.93 -10.16 -13.97
C ASP A 395 -5.68 -9.50 -14.56
N GLY A 396 -5.28 -9.87 -15.76
CA GLY A 396 -4.09 -9.27 -16.33
C GLY A 396 -4.02 -7.79 -16.09
N GLY A 397 -5.15 -7.14 -16.24
CA GLY A 397 -5.27 -5.70 -16.07
C GLY A 397 -4.85 -5.20 -14.73
N PHE A 398 -5.22 -5.91 -13.67
CA PHE A 398 -4.85 -5.49 -12.32
C PHE A 398 -3.52 -6.06 -11.84
N ILE A 399 -2.95 -6.96 -12.63
CA ILE A 399 -1.64 -7.51 -12.34
C ILE A 399 -0.72 -6.32 -12.64
N TYR A 400 -1.10 -5.53 -13.64
CA TYR A 400 -0.37 -4.32 -14.00
C TYR A 400 -0.35 -3.35 -12.80
N VAL A 401 -1.51 -3.01 -12.27
CA VAL A 401 -1.55 -2.11 -11.12
C VAL A 401 -0.70 -2.71 -10.03
N ALA A 402 -0.97 -3.97 -9.69
CA ALA A 402 -0.24 -4.69 -8.65
C ALA A 402 1.26 -4.65 -8.85
N GLY A 403 1.68 -4.83 -10.10
CA GLY A 403 3.09 -4.82 -10.44
C GLY A 403 3.72 -3.45 -10.37
N LYS A 404 2.91 -2.43 -10.64
CA LYS A 404 3.42 -1.09 -10.57
C LYS A 404 3.58 -0.74 -9.09
N CYS A 405 2.88 -1.47 -8.21
CA CYS A 405 2.97 -1.23 -6.78
C CYS A 405 3.98 -2.13 -6.10
N GLY A 406 4.73 -2.87 -6.91
CA GLY A 406 5.76 -3.77 -6.41
C GLY A 406 5.35 -5.20 -6.02
N LEU A 407 4.11 -5.61 -6.29
CA LEU A 407 3.63 -6.94 -5.95
C LEU A 407 4.04 -7.81 -7.12
N VAL A 408 4.26 -9.12 -6.87
CA VAL A 408 4.72 -10.06 -7.91
C VAL A 408 3.75 -11.20 -8.17
N PRO A 409 3.73 -11.73 -9.40
CA PRO A 409 2.81 -12.83 -9.65
C PRO A 409 3.42 -14.10 -9.05
N VAL A 410 2.69 -14.76 -8.14
CA VAL A 410 3.15 -16.01 -7.52
C VAL A 410 2.83 -17.20 -8.44
N LEU A 411 1.57 -17.57 -8.57
CA LEU A 411 1.13 -18.71 -9.43
C LEU A 411 0.02 -18.24 -10.37
N ALA A 412 -0.19 -18.95 -11.49
CA ALA A 412 -1.25 -18.57 -12.41
C ALA A 412 -2.40 -19.57 -12.58
N GLU A 413 -3.55 -19.05 -12.98
CA GLU A 413 -4.71 -19.90 -13.21
C GLU A 413 -4.53 -20.62 -14.51
N ASN A 414 -4.66 -21.93 -14.47
CA ASN A 414 -4.61 -22.72 -15.68
C ASN A 414 -6.00 -23.34 -15.82
N GLN A 415 -6.77 -22.79 -16.74
CA GLN A 415 -8.12 -23.26 -17.03
C GLN A 415 -7.93 -24.69 -17.48
N LYS A 416 -9.00 -25.49 -17.45
CA LYS A 416 -8.92 -26.88 -17.89
C LYS A 416 -8.56 -26.96 -19.38
N SER A 417 -7.30 -26.65 -19.66
CA SER A 417 -6.72 -26.63 -20.99
C SER A 417 -6.93 -27.98 -21.65
N GLN A 418 -6.42 -28.13 -22.87
CA GLN A 418 -6.61 -29.38 -23.57
C GLN A 418 -5.43 -29.89 -24.39
N ASN A 419 -4.86 -30.97 -23.89
CA ASN A 419 -3.72 -31.67 -24.48
C ASN A 419 -3.77 -33.01 -23.73
N SER A 420 -3.62 -32.93 -22.41
CA SER A 420 -3.65 -34.08 -21.48
C SER A 420 -3.81 -33.55 -20.05
N ASN A 421 -5.01 -33.70 -19.50
CA ASN A 421 -5.27 -33.21 -18.14
C ASN A 421 -4.83 -34.18 -17.02
N ALA A 422 -3.59 -34.64 -17.15
CA ALA A 422 -2.92 -35.53 -16.18
C ALA A 422 -2.22 -34.53 -15.21
N PRO A 423 -1.05 -34.86 -14.58
CA PRO A 423 -0.48 -33.83 -13.70
C PRO A 423 0.22 -32.66 -14.41
N ASP A 424 0.02 -32.57 -15.73
CA ASP A 424 0.59 -31.52 -16.56
C ASP A 424 0.26 -30.12 -16.03
N CYS A 425 -0.97 -29.91 -15.54
CA CYS A 425 -1.42 -28.58 -15.08
C CYS A 425 -0.49 -27.66 -14.30
N VAL A 426 0.06 -28.12 -13.18
CA VAL A 426 0.95 -27.27 -12.39
C VAL A 426 2.26 -26.88 -13.12
N HIS A 427 2.59 -27.61 -14.18
CA HIS A 427 3.79 -27.35 -14.95
C HIS A 427 3.41 -27.08 -16.38
N ARG A 428 2.12 -27.10 -16.68
CA ARG A 428 1.67 -26.83 -18.04
C ARG A 428 1.90 -25.37 -18.22
N PRO A 429 2.48 -24.98 -19.34
CA PRO A 429 2.74 -23.57 -19.59
C PRO A 429 1.40 -22.85 -19.65
N PRO A 430 1.24 -21.73 -18.91
CA PRO A 430 -0.04 -21.03 -18.99
C PRO A 430 -0.22 -20.63 -20.45
N GLU A 431 -1.42 -20.79 -20.99
CA GLU A 431 -1.65 -20.45 -22.40
C GLU A 431 -2.62 -19.29 -22.72
N GLY A 432 -3.09 -18.60 -21.68
CA GLY A 432 -3.97 -17.46 -21.85
C GLY A 432 -5.39 -17.75 -22.29
N TYR A 433 -6.12 -16.79 -22.64
CA TYR A 433 -7.49 -16.93 -23.17
C TYR A 433 -7.77 -15.81 -24.15
N LEU A 434 -8.63 -16.12 -25.13
CA LEU A 434 -8.96 -15.22 -26.22
C LEU A 434 -10.03 -14.26 -25.80
N ALA A 435 -9.73 -12.98 -25.91
CA ALA A 435 -10.74 -12.00 -25.58
C ALA A 435 -11.62 -11.89 -26.83
N VAL A 436 -12.94 -11.85 -26.66
CA VAL A 436 -13.83 -11.72 -27.82
C VAL A 436 -14.90 -10.65 -27.67
N ALA A 437 -15.55 -10.33 -28.80
CA ALA A 437 -16.66 -9.36 -28.88
C ALA A 437 -17.86 -10.16 -29.33
N VAL A 438 -18.85 -10.27 -28.46
CA VAL A 438 -20.03 -11.07 -28.74
C VAL A 438 -21.27 -10.22 -28.99
N VAL A 439 -22.10 -10.68 -29.93
CA VAL A 439 -23.37 -10.02 -30.27
C VAL A 439 -24.37 -11.12 -30.63
N ARG A 440 -25.66 -10.80 -30.61
CA ARG A 440 -26.65 -11.78 -30.99
C ARG A 440 -26.58 -11.97 -32.50
N LYS A 441 -26.74 -13.22 -32.94
CA LYS A 441 -26.74 -13.53 -34.36
C LYS A 441 -27.84 -12.68 -35.03
N SER A 442 -28.96 -12.51 -34.33
CA SER A 442 -30.10 -11.71 -34.80
C SER A 442 -29.66 -10.38 -35.41
N ASP A 443 -29.08 -9.55 -34.56
CA ASP A 443 -28.60 -8.26 -34.99
C ASP A 443 -27.47 -8.60 -35.94
N ALA A 444 -27.79 -8.79 -37.20
CA ALA A 444 -26.79 -9.14 -38.20
C ALA A 444 -26.22 -7.90 -38.88
N ASP A 445 -26.90 -6.78 -38.68
CA ASP A 445 -26.48 -5.50 -39.26
C ASP A 445 -25.14 -5.09 -38.64
N LEU A 446 -25.01 -5.43 -37.36
CA LEU A 446 -23.86 -5.12 -36.53
C LEU A 446 -22.55 -5.79 -36.93
N THR A 447 -21.50 -4.97 -37.02
CA THR A 447 -20.17 -5.42 -37.36
C THR A 447 -19.25 -4.57 -36.48
N TRP A 448 -17.99 -4.95 -36.39
CA TRP A 448 -17.03 -4.21 -35.56
C TRP A 448 -17.07 -2.74 -35.89
N ASN A 449 -17.18 -2.47 -37.18
CA ASN A 449 -17.17 -1.11 -37.68
C ASN A 449 -18.42 -0.27 -37.49
N SER A 450 -19.45 -0.87 -36.91
CA SER A 450 -20.70 -0.15 -36.66
C SER A 450 -21.02 -0.10 -35.16
N LEU A 451 -19.97 -0.25 -34.35
CA LEU A 451 -20.15 -0.22 -32.91
C LEU A 451 -20.50 1.17 -32.45
N SER A 452 -19.94 2.18 -33.10
CA SER A 452 -20.19 3.59 -32.75
C SER A 452 -21.65 3.84 -32.37
N GLY A 453 -21.90 4.43 -31.21
CA GLY A 453 -23.28 4.70 -30.84
C GLY A 453 -24.08 3.51 -30.39
N LYS A 454 -23.52 2.31 -30.47
CA LYS A 454 -24.22 1.12 -30.03
C LYS A 454 -24.05 1.00 -28.52
N LYS A 455 -24.81 0.11 -27.89
CA LYS A 455 -24.72 -0.09 -26.44
C LYS A 455 -23.69 -1.17 -26.07
N SER A 456 -22.95 -0.97 -24.98
CA SER A 456 -21.94 -1.96 -24.61
C SER A 456 -21.96 -2.53 -23.19
N CYS A 457 -21.60 -3.82 -23.12
CA CYS A 457 -21.55 -4.56 -21.86
C CYS A 457 -20.09 -4.95 -21.64
N HIS A 458 -19.52 -4.49 -20.53
CA HIS A 458 -18.12 -4.74 -20.20
C HIS A 458 -17.96 -5.42 -18.82
N THR A 459 -16.96 -6.28 -18.71
CA THR A 459 -16.69 -6.98 -17.47
C THR A 459 -16.38 -5.98 -16.37
N GLY A 460 -15.60 -4.96 -16.68
CA GLY A 460 -15.30 -3.96 -15.65
C GLY A 460 -14.25 -3.05 -16.20
N VAL A 461 -14.06 -1.87 -15.62
CA VAL A 461 -13.01 -1.03 -16.16
C VAL A 461 -11.72 -1.51 -15.54
N GLY A 462 -10.65 -1.56 -16.34
CA GLY A 462 -9.35 -2.00 -15.86
C GLY A 462 -9.02 -3.42 -16.24
N ARG A 463 -10.05 -4.15 -16.67
CA ARG A 463 -9.91 -5.54 -17.00
C ARG A 463 -9.59 -5.83 -18.46
N THR A 464 -8.76 -6.85 -18.68
CA THR A 464 -8.30 -7.23 -19.99
C THR A 464 -9.28 -7.47 -21.10
N ALA A 465 -9.93 -8.63 -21.04
CA ALA A 465 -10.86 -9.08 -22.06
C ALA A 465 -11.93 -8.06 -22.34
N ALA A 466 -12.47 -7.46 -21.29
CA ALA A 466 -13.46 -6.41 -21.50
C ALA A 466 -12.63 -5.15 -21.69
N TRP A 467 -12.84 -4.12 -20.89
CA TRP A 467 -12.08 -2.90 -21.04
C TRP A 467 -10.82 -2.76 -21.90
N ASN A 468 -9.66 -3.05 -21.31
CA ASN A 468 -8.34 -2.91 -21.93
C ASN A 468 -8.16 -3.32 -23.37
N ILE A 469 -8.66 -4.48 -23.77
CA ILE A 469 -8.48 -4.90 -25.16
C ILE A 469 -9.38 -4.14 -26.15
N PRO A 470 -10.71 -4.09 -25.93
CA PRO A 470 -11.50 -3.34 -26.90
C PRO A 470 -11.12 -1.88 -26.86
N MET A 471 -11.18 -1.26 -25.68
CA MET A 471 -10.85 0.16 -25.58
C MET A 471 -9.48 0.49 -26.17
N GLY A 472 -8.56 -0.44 -26.06
CA GLY A 472 -7.23 -0.22 -26.61
C GLY A 472 -7.30 -0.16 -28.11
N LEU A 473 -8.02 -1.09 -28.73
CA LEU A 473 -8.15 -1.08 -30.19
C LEU A 473 -8.90 0.16 -30.70
N LEU A 474 -9.98 0.55 -30.01
CA LEU A 474 -10.80 1.69 -30.37
C LEU A 474 -10.07 3.00 -30.25
N PHE A 475 -9.37 3.19 -29.15
CA PHE A 475 -8.59 4.41 -28.96
C PHE A 475 -7.63 4.58 -30.14
N ASN A 476 -7.22 3.48 -30.76
CA ASN A 476 -6.29 3.53 -31.89
C ASN A 476 -6.99 4.06 -33.16
N GLN A 477 -8.25 3.69 -33.34
CA GLN A 477 -8.97 4.13 -34.52
C GLN A 477 -9.68 5.48 -34.39
N THR A 478 -10.06 5.86 -33.15
CA THR A 478 -10.74 7.14 -32.93
C THR A 478 -9.81 8.27 -32.45
N GLY A 479 -8.63 7.90 -31.95
CA GLY A 479 -7.70 8.89 -31.47
C GLY A 479 -8.26 9.69 -30.31
N SER A 480 -9.38 9.24 -29.75
CA SER A 480 -9.99 9.95 -28.65
C SER A 480 -9.98 9.25 -27.33
N CYS A 481 -9.74 10.05 -26.30
CA CYS A 481 -9.74 9.59 -24.91
C CYS A 481 -11.15 9.77 -24.30
N LYS A 482 -12.15 10.09 -25.13
CA LYS A 482 -13.49 10.27 -24.60
C LYS A 482 -14.13 8.91 -24.69
N PHE A 483 -13.84 8.08 -23.70
CA PHE A 483 -14.34 6.71 -23.65
C PHE A 483 -15.83 6.55 -23.41
N ASP A 484 -16.42 7.46 -22.64
CA ASP A 484 -17.85 7.40 -22.34
C ASP A 484 -18.74 7.87 -23.49
N LYS A 485 -18.13 8.33 -24.58
CA LYS A 485 -18.85 8.84 -25.74
C LYS A 485 -18.89 7.97 -27.00
N PHE A 486 -18.12 6.90 -27.03
CA PHE A 486 -18.12 6.03 -28.19
C PHE A 486 -19.40 5.20 -28.18
N PHE A 487 -19.59 4.41 -27.12
CA PHE A 487 -20.78 3.61 -26.99
C PHE A 487 -21.85 4.56 -26.44
N SER A 488 -23.06 4.46 -26.98
CA SER A 488 -24.19 5.31 -26.59
C SER A 488 -24.47 5.24 -25.10
N GLN A 489 -24.52 4.01 -24.60
CA GLN A 489 -24.74 3.72 -23.20
C GLN A 489 -23.99 2.43 -22.99
N SER A 490 -23.58 2.18 -21.76
CA SER A 490 -22.83 1.00 -21.48
C SER A 490 -23.00 0.65 -20.03
N CYS A 491 -22.53 -0.54 -19.69
CA CYS A 491 -22.46 -0.98 -18.28
C CYS A 491 -21.01 -1.44 -18.16
N ALA A 492 -20.24 -0.79 -17.30
CA ALA A 492 -18.84 -1.12 -17.13
C ALA A 492 -18.60 -0.86 -15.66
N PRO A 493 -18.87 -1.85 -14.78
CA PRO A 493 -18.68 -1.63 -13.36
C PRO A 493 -17.33 -1.03 -13.08
N GLY A 494 -17.34 -0.05 -12.18
CA GLY A 494 -16.14 0.68 -11.81
C GLY A 494 -16.14 2.12 -12.33
N ALA A 495 -16.92 2.39 -13.37
CA ALA A 495 -16.99 3.71 -13.95
C ALA A 495 -17.67 4.71 -13.03
N ASP A 496 -17.71 5.97 -13.45
CA ASP A 496 -18.36 7.03 -12.69
C ASP A 496 -19.85 6.67 -12.69
N PRO A 497 -20.44 6.53 -11.50
CA PRO A 497 -21.85 6.18 -11.38
C PRO A 497 -22.82 7.05 -12.16
N GLN A 498 -22.40 8.28 -12.47
CA GLN A 498 -23.27 9.18 -13.24
C GLN A 498 -22.87 9.39 -14.70
N SER A 499 -22.02 8.51 -15.23
CA SER A 499 -21.60 8.60 -16.62
C SER A 499 -22.31 7.51 -17.43
N SER A 500 -22.38 7.69 -18.74
CA SER A 500 -23.02 6.72 -19.60
C SER A 500 -22.48 5.28 -19.44
N LEU A 501 -21.21 5.17 -19.04
CA LEU A 501 -20.58 3.86 -18.86
C LEU A 501 -21.30 3.04 -17.82
N CYS A 502 -21.96 3.70 -16.87
CA CYS A 502 -22.72 3.02 -15.82
C CYS A 502 -24.22 3.01 -16.12
N ALA A 503 -24.61 3.31 -17.36
CA ALA A 503 -26.03 3.40 -17.73
C ALA A 503 -26.86 2.10 -17.80
N LEU A 504 -26.26 1.01 -18.28
CA LEU A 504 -27.00 -0.24 -18.38
C LEU A 504 -26.79 -1.17 -17.19
N CYS A 505 -25.97 -0.77 -16.23
CA CYS A 505 -25.74 -1.63 -15.07
C CYS A 505 -27.01 -1.69 -14.25
N VAL A 506 -27.20 -2.80 -13.51
CA VAL A 506 -28.42 -3.04 -12.74
C VAL A 506 -28.31 -3.19 -11.24
N GLY A 507 -27.11 -3.19 -10.71
CA GLY A 507 -26.96 -3.36 -9.27
C GLY A 507 -27.40 -4.75 -8.84
N ASN A 508 -27.57 -4.91 -7.53
CA ASN A 508 -28.01 -6.17 -6.97
C ASN A 508 -29.51 -6.35 -7.21
N ASN A 509 -30.11 -7.37 -6.58
CA ASN A 509 -31.52 -7.63 -6.78
C ASN A 509 -32.54 -6.55 -6.43
N GLU A 510 -32.28 -5.80 -5.36
CA GLU A 510 -33.17 -4.70 -5.02
C GLU A 510 -32.61 -3.42 -5.65
N ASN A 511 -31.92 -3.61 -6.78
CA ASN A 511 -31.33 -2.54 -7.57
C ASN A 511 -30.43 -1.53 -6.89
N GLU A 512 -29.72 -1.96 -5.87
CA GLU A 512 -28.81 -1.05 -5.21
C GLU A 512 -27.41 -1.45 -5.68
N ASN A 513 -26.44 -0.59 -5.40
CA ASN A 513 -25.07 -0.83 -5.80
C ASN A 513 -24.96 -1.02 -7.29
N LYS A 514 -25.49 -0.04 -8.02
CA LYS A 514 -25.46 -0.06 -9.46
C LYS A 514 -24.05 0.36 -9.85
N CYS A 515 -23.44 -0.37 -10.76
CA CYS A 515 -22.09 -0.07 -11.26
C CYS A 515 -20.88 -0.43 -10.39
N MET A 516 -21.11 -0.89 -9.17
CA MET A 516 -20.03 -1.28 -8.28
C MET A 516 -19.20 -2.38 -8.98
N PRO A 517 -17.85 -2.28 -8.91
CA PRO A 517 -16.99 -3.28 -9.56
C PRO A 517 -16.74 -4.52 -8.68
N ASN A 518 -17.82 -5.26 -8.44
CA ASN A 518 -17.75 -6.47 -7.64
C ASN A 518 -19.05 -7.23 -7.94
N SER A 519 -19.15 -8.48 -7.49
CA SER A 519 -20.32 -9.36 -7.77
C SER A 519 -21.76 -8.85 -7.49
N GLU A 520 -21.90 -7.89 -6.57
CA GLU A 520 -23.18 -7.28 -6.21
C GLU A 520 -23.87 -6.77 -7.48
N GLU A 521 -23.07 -6.25 -8.39
CA GLU A 521 -23.62 -5.78 -9.63
C GLU A 521 -23.83 -7.04 -10.47
N ARG A 522 -25.09 -7.36 -10.74
CA ARG A 522 -25.40 -8.55 -11.51
C ARG A 522 -24.80 -8.59 -12.87
N TYR A 523 -24.39 -7.44 -13.39
CA TYR A 523 -23.81 -7.40 -14.72
C TYR A 523 -22.29 -7.35 -14.65
N TYR A 524 -21.73 -7.44 -13.45
CA TYR A 524 -20.28 -7.42 -13.28
C TYR A 524 -19.68 -8.73 -13.79
N GLY A 525 -18.43 -8.69 -14.21
CA GLY A 525 -17.72 -9.88 -14.66
C GLY A 525 -17.97 -10.45 -16.03
N TYR A 526 -17.35 -11.52 -16.35
CA TYR A 526 -17.55 -12.21 -17.62
C TYR A 526 -18.98 -12.66 -17.71
N THR A 527 -19.41 -13.21 -16.61
CA THR A 527 -20.77 -13.68 -16.57
C THR A 527 -21.75 -12.53 -16.71
N GLY A 528 -21.64 -11.53 -15.85
CA GLY A 528 -22.53 -10.39 -15.92
C GLY A 528 -22.50 -9.67 -17.26
N ALA A 529 -21.32 -9.53 -17.85
CA ALA A 529 -21.22 -8.85 -19.13
C ALA A 529 -22.00 -9.62 -20.15
N PHE A 530 -21.87 -10.94 -20.15
CA PHE A 530 -22.59 -11.77 -21.12
C PHE A 530 -24.08 -11.64 -20.91
N ARG A 531 -24.49 -11.69 -19.64
CA ARG A 531 -25.90 -11.56 -19.27
C ARG A 531 -26.45 -10.23 -19.80
N CYS A 532 -25.69 -9.18 -19.60
CA CYS A 532 -26.08 -7.86 -20.07
C CYS A 532 -26.41 -7.96 -21.56
N LEU A 533 -25.69 -8.79 -22.29
CA LEU A 533 -25.95 -8.91 -23.69
C LEU A 533 -27.20 -9.73 -23.87
N ALA A 534 -27.32 -10.80 -23.09
CA ALA A 534 -28.48 -11.70 -23.18
C ALA A 534 -29.82 -11.03 -22.82
N GLU A 535 -29.90 -10.39 -21.66
CA GLU A 535 -31.13 -9.73 -21.26
C GLU A 535 -31.35 -8.51 -22.15
N LYS A 536 -30.60 -8.44 -23.25
CA LYS A 536 -30.71 -7.36 -24.22
C LYS A 536 -30.58 -5.94 -23.67
N ALA A 537 -29.79 -5.78 -22.62
CA ALA A 537 -29.55 -4.47 -22.05
C ALA A 537 -28.45 -3.80 -22.83
N GLY A 538 -27.68 -4.60 -23.56
CA GLY A 538 -26.58 -4.06 -24.34
C GLY A 538 -26.53 -4.78 -25.67
N ASP A 539 -25.74 -4.30 -26.63
CA ASP A 539 -25.68 -4.92 -27.96
C ASP A 539 -24.37 -5.67 -28.24
N VAL A 540 -23.29 -5.31 -27.55
CA VAL A 540 -22.02 -6.00 -27.76
C VAL A 540 -21.46 -6.24 -26.39
N ALA A 541 -20.92 -7.45 -26.18
CA ALA A 541 -20.36 -7.81 -24.88
C ALA A 541 -18.94 -8.24 -25.09
N PHE A 542 -18.06 -7.69 -24.27
CA PHE A 542 -16.65 -7.97 -24.38
C PHE A 542 -16.32 -8.96 -23.29
N VAL A 543 -16.11 -10.18 -23.72
CA VAL A 543 -15.82 -11.28 -22.80
C VAL A 543 -14.88 -12.23 -23.50
N LYS A 544 -14.58 -13.36 -22.87
CA LYS A 544 -13.69 -14.35 -23.48
C LYS A 544 -14.56 -15.44 -24.09
N ASP A 545 -14.13 -16.04 -25.20
CA ASP A 545 -14.95 -17.06 -25.90
C ASP A 545 -15.65 -18.07 -25.01
N VAL A 546 -14.93 -18.61 -24.04
CA VAL A 546 -15.47 -19.60 -23.12
C VAL A 546 -16.70 -19.19 -22.27
N THR A 547 -16.84 -17.89 -21.98
CA THR A 547 -17.94 -17.36 -21.19
C THR A 547 -19.29 -17.69 -21.84
N VAL A 548 -19.33 -17.60 -23.15
CA VAL A 548 -20.55 -17.88 -23.87
C VAL A 548 -20.81 -19.36 -23.69
N LEU A 549 -19.81 -20.16 -24.06
CA LEU A 549 -19.88 -21.61 -23.97
C LEU A 549 -20.39 -22.14 -22.64
N GLN A 550 -20.03 -21.47 -21.55
CA GLN A 550 -20.47 -21.90 -20.21
C GLN A 550 -21.83 -21.39 -19.73
N ASN A 551 -22.54 -20.61 -20.54
CA ASN A 551 -23.84 -20.10 -20.10
C ASN A 551 -24.96 -20.28 -21.09
N THR A 552 -24.64 -20.94 -22.19
CA THR A 552 -25.60 -21.21 -23.22
C THR A 552 -25.74 -22.72 -23.24
N ASP A 553 -26.75 -23.18 -23.95
CA ASP A 553 -27.01 -24.60 -24.05
C ASP A 553 -27.30 -25.21 -22.67
N GLY A 554 -28.01 -24.43 -21.84
CA GLY A 554 -28.43 -24.86 -20.52
C GLY A 554 -27.45 -25.23 -19.41
N LYS A 555 -26.16 -25.03 -19.63
CA LYS A 555 -25.14 -25.34 -18.63
C LYS A 555 -25.32 -24.49 -17.39
N ASN A 556 -25.81 -23.27 -17.61
CA ASN A 556 -26.10 -22.34 -16.53
C ASN A 556 -27.60 -22.36 -16.58
N SER A 557 -28.21 -22.90 -15.54
CA SER A 557 -29.65 -23.01 -15.46
C SER A 557 -30.32 -21.85 -14.74
N GLU A 558 -29.56 -20.79 -14.48
CA GLU A 558 -30.16 -19.63 -13.84
C GLU A 558 -31.20 -19.21 -14.87
N PRO A 559 -32.39 -18.80 -14.42
CA PRO A 559 -33.49 -18.38 -15.30
C PRO A 559 -33.14 -17.69 -16.61
N TRP A 560 -32.32 -16.65 -16.53
CA TRP A 560 -31.92 -15.87 -17.71
C TRP A 560 -31.07 -16.65 -18.70
N ALA A 561 -30.26 -17.56 -18.17
CA ALA A 561 -29.38 -18.37 -19.00
C ALA A 561 -30.10 -19.57 -19.57
N LYS A 562 -30.56 -20.44 -18.67
CA LYS A 562 -31.31 -21.66 -18.99
C LYS A 562 -31.53 -22.02 -20.46
N ASP A 563 -32.33 -21.21 -21.14
CA ASP A 563 -32.71 -21.44 -22.55
C ASP A 563 -31.74 -20.94 -23.62
N LEU A 564 -30.59 -20.39 -23.24
CA LEU A 564 -29.67 -19.85 -24.22
C LEU A 564 -29.06 -20.95 -25.06
N LYS A 565 -28.65 -20.58 -26.27
CA LYS A 565 -28.01 -21.49 -27.20
C LYS A 565 -26.82 -20.82 -27.87
N GLN A 566 -25.71 -21.55 -27.97
CA GLN A 566 -24.49 -21.04 -28.59
C GLN A 566 -24.72 -20.59 -30.02
N GLU A 567 -25.83 -21.01 -30.60
CA GLU A 567 -26.17 -20.66 -31.96
C GLU A 567 -26.75 -19.25 -32.03
N ASP A 568 -27.39 -18.81 -30.94
CA ASP A 568 -27.99 -17.49 -30.86
C ASP A 568 -26.90 -16.42 -30.85
N PHE A 569 -25.65 -16.85 -30.68
CA PHE A 569 -24.53 -15.91 -30.57
C PHE A 569 -23.40 -16.00 -31.58
N GLU A 570 -22.89 -14.83 -31.93
CA GLU A 570 -21.81 -14.72 -32.90
C GLU A 570 -20.74 -13.77 -32.40
N LEU A 571 -19.55 -13.86 -32.99
CA LEU A 571 -18.41 -13.03 -32.62
C LEU A 571 -18.13 -12.05 -33.72
N LEU A 572 -17.63 -10.88 -33.35
CA LEU A 572 -17.26 -9.84 -34.29
C LEU A 572 -15.76 -9.92 -34.55
N CYS A 573 -15.36 -10.25 -35.77
CA CYS A 573 -13.94 -10.35 -36.09
C CYS A 573 -13.44 -8.96 -36.48
N LEU A 574 -12.18 -8.69 -36.17
CA LEU A 574 -11.60 -7.40 -36.47
C LEU A 574 -11.72 -6.97 -37.92
N ASP A 575 -11.87 -7.92 -38.83
CA ASP A 575 -11.98 -7.56 -40.25
C ASP A 575 -13.43 -7.43 -40.74
N GLY A 576 -14.32 -6.98 -39.86
CA GLY A 576 -15.70 -6.83 -40.27
C GLY A 576 -16.47 -8.12 -40.42
N THR A 577 -15.78 -9.25 -40.39
CA THR A 577 -16.41 -10.58 -40.51
C THR A 577 -17.13 -10.98 -39.20
N ARG A 578 -17.92 -12.06 -39.25
CA ARG A 578 -18.64 -12.61 -38.09
C ARG A 578 -18.54 -14.15 -38.14
N LYS A 579 -18.08 -14.76 -37.06
CA LYS A 579 -17.94 -16.22 -36.99
C LYS A 579 -18.73 -16.73 -35.80
N PRO A 580 -19.19 -18.00 -35.84
CA PRO A 580 -19.95 -18.55 -34.72
C PRO A 580 -19.07 -18.52 -33.49
N VAL A 581 -19.66 -18.66 -32.31
CA VAL A 581 -18.86 -18.58 -31.12
C VAL A 581 -17.71 -19.58 -31.13
N ALA A 582 -17.82 -20.60 -31.96
CA ALA A 582 -16.78 -21.60 -32.02
C ALA A 582 -15.55 -21.23 -32.85
N GLU A 583 -15.69 -20.27 -33.74
CA GLU A 583 -14.59 -19.85 -34.60
C GLU A 583 -13.67 -18.81 -33.97
N ALA A 584 -13.80 -18.61 -32.66
CA ALA A 584 -13.00 -17.62 -31.93
C ALA A 584 -11.51 -17.65 -32.20
N GLU A 585 -10.94 -18.82 -32.46
CA GLU A 585 -9.51 -18.86 -32.71
C GLU A 585 -9.12 -18.05 -33.93
N SER A 586 -10.07 -17.83 -34.83
CA SER A 586 -9.82 -17.03 -36.02
C SER A 586 -10.67 -15.78 -35.99
N CYS A 587 -11.24 -15.48 -34.84
CA CYS A 587 -12.10 -14.33 -34.72
C CYS A 587 -12.14 -13.82 -33.29
N HIS A 588 -10.99 -13.27 -32.86
CA HIS A 588 -10.87 -12.73 -31.52
C HIS A 588 -10.20 -11.37 -31.63
N LEU A 589 -10.23 -10.59 -30.54
CA LEU A 589 -9.61 -9.26 -30.53
C LEU A 589 -8.19 -9.39 -29.98
N ALA A 590 -7.96 -10.39 -29.12
CA ALA A 590 -6.64 -10.66 -28.53
C ALA A 590 -6.52 -11.90 -27.67
N ARG A 591 -5.28 -12.25 -27.38
CA ARG A 591 -4.92 -13.38 -26.54
C ARG A 591 -4.40 -12.74 -25.28
N ALA A 592 -5.13 -12.90 -24.19
CA ALA A 592 -4.76 -12.30 -22.92
C ALA A 592 -4.04 -13.25 -21.94
N PRO A 593 -3.41 -12.72 -20.89
CA PRO A 593 -2.69 -13.52 -19.89
C PRO A 593 -3.70 -13.97 -18.87
N ASN A 594 -3.59 -15.24 -18.46
CA ASN A 594 -4.51 -15.82 -17.47
C ASN A 594 -4.41 -14.99 -16.21
N HIS A 595 -5.44 -15.01 -15.37
CA HIS A 595 -5.37 -14.28 -14.08
C HIS A 595 -4.27 -14.95 -13.28
N ALA A 596 -3.71 -14.23 -12.28
CA ALA A 596 -2.62 -14.74 -11.48
C ALA A 596 -2.74 -14.27 -10.06
N VAL A 597 -2.32 -15.10 -9.12
CA VAL A 597 -2.35 -14.78 -7.70
C VAL A 597 -1.16 -13.87 -7.53
N VAL A 598 -1.27 -12.81 -6.73
CA VAL A 598 -0.13 -11.89 -6.50
C VAL A 598 0.05 -11.67 -5.02
N SER A 599 1.29 -11.37 -4.61
CA SER A 599 1.61 -11.06 -3.22
C SER A 599 2.93 -10.32 -3.22
N GLN A 600 3.37 -9.95 -2.03
CA GLN A 600 4.66 -9.29 -1.84
C GLN A 600 5.68 -10.40 -2.12
N SER A 601 6.75 -10.10 -2.84
CA SER A 601 7.80 -11.08 -3.22
C SER A 601 8.24 -11.85 -1.99
N ASP A 602 8.14 -11.13 -0.89
CA ASP A 602 8.42 -11.52 0.46
C ASP A 602 7.70 -12.82 0.83
N ARG A 603 6.36 -12.79 0.74
CA ARG A 603 5.48 -13.92 1.08
C ARG A 603 5.23 -14.91 -0.04
N ALA A 604 5.72 -14.63 -1.24
CA ALA A 604 5.50 -15.52 -2.38
C ALA A 604 5.78 -16.99 -2.18
N GLN A 605 6.95 -17.33 -1.62
CA GLN A 605 7.31 -18.72 -1.43
C GLN A 605 6.44 -19.50 -0.45
N HIS A 606 6.05 -18.84 0.64
CA HIS A 606 5.18 -19.43 1.63
C HIS A 606 3.84 -19.64 0.92
N LEU A 607 3.31 -18.52 0.41
CA LEU A 607 2.03 -18.47 -0.28
C LEU A 607 1.90 -19.61 -1.28
N LYS A 608 2.98 -19.90 -1.96
CA LYS A 608 2.98 -20.96 -2.95
C LYS A 608 2.70 -22.28 -2.28
N LYS A 609 3.44 -22.54 -1.22
CA LYS A 609 3.34 -23.77 -0.46
C LYS A 609 1.93 -24.01 0.07
N VAL A 610 1.39 -23.02 0.77
CA VAL A 610 0.05 -23.18 1.32
C VAL A 610 -0.92 -23.44 0.17
N LEU A 611 -0.72 -22.77 -0.96
CA LEU A 611 -1.60 -22.92 -2.14
C LEU A 611 -1.48 -24.24 -2.87
N PHE A 612 -0.30 -24.84 -2.88
CA PHE A 612 -0.18 -26.13 -3.55
C PHE A 612 -0.89 -27.19 -2.69
N LEU A 613 -0.85 -27.01 -1.37
CA LEU A 613 -1.52 -27.94 -0.46
C LEU A 613 -3.03 -27.72 -0.60
N GLN A 614 -3.51 -26.50 -0.31
CA GLN A 614 -4.92 -26.18 -0.38
C GLN A 614 -5.61 -26.67 -1.62
N GLN A 615 -4.97 -26.50 -2.77
CA GLN A 615 -5.59 -26.96 -4.01
C GLN A 615 -5.42 -28.46 -4.28
N ASP A 616 -4.52 -29.10 -3.55
CA ASP A 616 -4.33 -30.53 -3.70
C ASP A 616 -5.46 -31.22 -2.99
N GLN A 617 -6.01 -30.51 -2.00
CA GLN A 617 -7.09 -30.99 -1.20
C GLN A 617 -8.47 -30.56 -1.76
N PHE A 618 -8.59 -29.34 -2.26
CA PHE A 618 -9.87 -28.89 -2.80
C PHE A 618 -9.86 -28.44 -4.25
N GLY A 619 -8.79 -28.72 -4.98
CA GLY A 619 -8.69 -28.28 -6.36
C GLY A 619 -9.54 -29.03 -7.36
N GLY A 620 -9.07 -29.07 -8.59
CA GLY A 620 -9.78 -29.74 -9.67
C GLY A 620 -9.89 -31.23 -9.50
N ASN A 621 -8.94 -31.81 -8.78
CA ASN A 621 -8.96 -33.24 -8.52
C ASN A 621 -8.90 -33.38 -7.01
N GLY A 622 -9.36 -32.33 -6.35
CA GLY A 622 -9.38 -32.33 -4.91
C GLY A 622 -10.27 -33.46 -4.42
N PRO A 623 -9.69 -34.36 -3.63
CA PRO A 623 -10.41 -35.50 -3.07
C PRO A 623 -11.62 -35.01 -2.28
N ASP A 624 -11.48 -33.86 -1.65
CA ASP A 624 -12.57 -33.30 -0.89
C ASP A 624 -13.25 -32.25 -1.72
N CYS A 625 -13.03 -32.27 -3.03
CA CYS A 625 -13.63 -31.26 -3.87
C CYS A 625 -15.13 -31.34 -3.80
N PRO A 626 -15.77 -32.29 -4.52
CA PRO A 626 -17.25 -32.36 -4.45
C PRO A 626 -17.71 -32.49 -3.02
N GLY A 627 -17.02 -33.40 -2.32
CA GLY A 627 -17.27 -33.69 -0.92
C GLY A 627 -17.47 -32.51 0.00
N LYS A 628 -16.38 -31.90 0.51
CA LYS A 628 -16.50 -30.76 1.45
C LYS A 628 -16.22 -29.35 0.96
N PHE A 629 -15.42 -29.21 -0.10
CA PHE A 629 -15.13 -27.89 -0.66
C PHE A 629 -14.36 -27.97 -1.95
N CYS A 630 -14.80 -27.18 -2.94
CA CYS A 630 -14.14 -27.05 -4.25
C CYS A 630 -13.68 -25.60 -4.34
N LEU A 631 -12.37 -25.41 -4.39
CA LEU A 631 -11.82 -24.09 -4.43
C LEU A 631 -12.09 -23.40 -5.75
N PHE A 632 -12.14 -24.16 -6.83
CA PHE A 632 -12.35 -23.54 -8.13
C PHE A 632 -13.76 -23.63 -8.69
N LYS A 633 -14.77 -23.70 -7.83
CA LYS A 633 -16.16 -23.77 -8.30
C LYS A 633 -17.02 -22.79 -7.50
N SER A 634 -18.04 -22.21 -8.13
CA SER A 634 -18.91 -21.26 -7.43
C SER A 634 -20.21 -20.99 -8.15
N GLU A 635 -20.75 -22.00 -8.82
CA GLU A 635 -22.01 -21.81 -9.54
C GLU A 635 -21.97 -20.68 -10.57
N THR A 636 -21.08 -20.78 -11.55
CA THR A 636 -20.98 -19.77 -12.60
C THR A 636 -20.81 -18.30 -12.17
N LYS A 637 -20.53 -18.06 -10.88
CA LYS A 637 -20.35 -16.72 -10.38
C LYS A 637 -18.88 -16.33 -10.34
N ASN A 638 -18.01 -17.27 -10.74
CA ASN A 638 -16.55 -17.07 -10.79
C ASN A 638 -15.93 -16.40 -9.57
N LEU A 639 -16.37 -16.79 -8.37
CA LEU A 639 -15.88 -16.23 -7.10
C LEU A 639 -14.47 -16.70 -6.74
N LEU A 640 -13.62 -15.75 -6.34
CA LEU A 640 -12.21 -15.98 -5.97
C LEU A 640 -11.31 -16.43 -7.13
N PHE A 641 -11.77 -17.41 -7.91
CA PHE A 641 -11.01 -17.88 -9.06
C PHE A 641 -12.10 -18.19 -10.09
N ASN A 642 -11.72 -18.39 -11.33
CA ASN A 642 -12.68 -18.74 -12.36
C ASN A 642 -13.11 -20.21 -12.18
N ASP A 643 -14.39 -20.47 -12.38
CA ASP A 643 -14.98 -21.79 -12.27
C ASP A 643 -14.39 -22.83 -13.20
N ASN A 644 -13.55 -22.43 -14.14
CA ASN A 644 -13.00 -23.44 -15.04
C ASN A 644 -11.54 -23.69 -14.75
N THR A 645 -11.07 -23.18 -13.63
CA THR A 645 -9.69 -23.36 -13.29
C THR A 645 -9.40 -24.81 -12.98
N GLU A 646 -8.40 -25.36 -13.65
CA GLU A 646 -8.01 -26.71 -13.37
C GLU A 646 -7.06 -26.66 -12.17
N CYS A 647 -6.12 -25.73 -12.19
CA CYS A 647 -5.17 -25.59 -11.09
C CYS A 647 -4.40 -24.26 -11.21
N LEU A 648 -3.63 -23.93 -10.17
CA LEU A 648 -2.80 -22.72 -10.15
C LEU A 648 -1.39 -23.25 -10.52
N ALA A 649 -0.89 -22.90 -11.70
CA ALA A 649 0.41 -23.35 -12.21
C ALA A 649 1.60 -22.45 -11.92
N GLU A 650 2.78 -22.93 -12.33
CA GLU A 650 4.06 -22.21 -12.16
C GLU A 650 4.09 -21.15 -13.25
N LEU A 651 4.90 -20.09 -13.04
CA LEU A 651 5.03 -18.97 -13.99
C LEU A 651 5.92 -19.16 -15.21
N GLN A 652 6.60 -20.30 -15.27
CA GLN A 652 7.51 -20.63 -16.36
C GLN A 652 8.61 -19.57 -16.49
N GLY A 653 9.05 -19.05 -15.36
CA GLY A 653 10.08 -18.02 -15.40
C GLY A 653 9.51 -16.62 -15.32
N LYS A 654 8.31 -16.40 -15.86
CA LYS A 654 7.68 -15.07 -15.84
C LYS A 654 7.33 -14.71 -14.42
N THR A 655 8.31 -14.20 -13.69
CA THR A 655 8.10 -13.83 -12.31
C THR A 655 7.87 -12.36 -12.02
N THR A 656 8.11 -11.50 -13.00
CA THR A 656 7.85 -10.07 -12.83
C THR A 656 6.61 -9.82 -13.65
N TYR A 657 5.83 -8.80 -13.31
CA TYR A 657 4.62 -8.51 -14.06
C TYR A 657 4.91 -8.28 -15.55
N GLU A 658 6.00 -7.57 -15.84
CA GLU A 658 6.35 -7.29 -17.23
C GLU A 658 6.56 -8.56 -18.01
N GLN A 659 7.35 -9.46 -17.45
CA GLN A 659 7.62 -10.75 -18.12
C GLN A 659 6.31 -11.51 -18.28
N TYR A 660 5.53 -11.55 -17.21
CA TYR A 660 4.27 -12.27 -17.19
C TYR A 660 3.24 -11.79 -18.19
N LEU A 661 2.95 -10.49 -18.17
CA LEU A 661 1.98 -9.88 -19.08
C LEU A 661 2.53 -9.74 -20.46
N GLY A 662 3.85 -9.60 -20.55
CA GLY A 662 4.46 -9.45 -21.85
C GLY A 662 4.60 -7.97 -22.16
N SER A 663 5.54 -7.67 -23.02
CA SER A 663 5.84 -6.31 -23.48
C SER A 663 4.67 -5.53 -24.09
N GLU A 664 4.14 -6.07 -25.19
CA GLU A 664 3.02 -5.47 -25.91
C GLU A 664 1.96 -5.00 -24.94
N TYR A 665 1.25 -5.95 -24.32
CA TYR A 665 0.19 -5.61 -23.41
C TYR A 665 0.61 -4.63 -22.33
N VAL A 666 1.84 -4.69 -21.86
CA VAL A 666 2.24 -3.69 -20.88
C VAL A 666 2.24 -2.34 -21.58
N THR A 667 2.78 -2.29 -22.79
CA THR A 667 2.84 -1.04 -23.55
C THR A 667 1.46 -0.50 -23.85
N SER A 668 0.63 -1.38 -24.38
CA SER A 668 -0.74 -1.06 -24.73
C SER A 668 -1.47 -0.48 -23.53
N ILE A 669 -1.18 -0.99 -22.34
CA ILE A 669 -1.82 -0.50 -21.14
C ILE A 669 -1.27 0.87 -20.81
N THR A 670 -0.05 1.15 -21.25
CA THR A 670 0.55 2.45 -20.98
C THR A 670 -0.01 3.54 -21.89
N ASN A 671 -0.31 3.18 -23.13
CA ASN A 671 -0.88 4.14 -24.06
C ASN A 671 -2.24 4.59 -23.53
N LEU A 672 -3.05 3.65 -23.06
CA LEU A 672 -4.35 4.00 -22.53
C LEU A 672 -4.26 4.95 -21.38
N ARG A 673 -3.23 4.81 -20.57
CA ARG A 673 -3.09 5.66 -19.41
C ARG A 673 -2.94 7.12 -19.79
N ARG A 674 -2.59 7.35 -21.06
CA ARG A 674 -2.43 8.70 -21.59
C ARG A 674 -3.79 9.37 -21.43
N CYS A 675 -4.84 8.56 -21.44
CA CYS A 675 -6.20 9.03 -21.28
C CYS A 675 -6.64 9.09 -19.84
N SER A 676 -6.44 7.98 -19.14
CA SER A 676 -6.89 7.86 -17.77
C SER A 676 -5.89 7.14 -16.88
N SER A 677 -5.78 7.61 -15.64
CA SER A 677 -4.89 7.00 -14.66
C SER A 677 -5.78 6.73 -13.44
N SER A 678 -5.29 5.90 -12.54
CA SER A 678 -6.05 5.57 -11.34
C SER A 678 -5.37 6.12 -10.09
N PRO A 679 -6.13 6.34 -9.03
CA PRO A 679 -5.56 6.85 -7.78
C PRO A 679 -4.53 5.91 -7.12
N LEU A 680 -4.75 4.61 -7.27
CA LEU A 680 -3.82 3.65 -6.69
C LEU A 680 -2.51 3.69 -7.46
N LEU A 681 -2.62 3.68 -8.78
CA LEU A 681 -1.48 3.74 -9.68
C LEU A 681 -0.63 5.00 -9.38
N GLU A 682 -1.24 6.07 -8.90
CA GLU A 682 -0.47 7.27 -8.59
C GLU A 682 0.10 7.19 -7.20
N ALA A 683 -0.71 6.74 -6.24
CA ALA A 683 -0.27 6.60 -4.85
C ALA A 683 1.01 5.77 -4.84
N CYS A 684 1.02 4.78 -5.72
CA CYS A 684 2.17 3.87 -5.86
C CYS A 684 3.35 4.47 -6.57
N ALA A 685 3.11 5.43 -7.46
CA ALA A 685 4.18 6.11 -8.19
C ALA A 685 5.06 6.84 -7.17
N PHE A 686 4.40 7.47 -6.21
CA PHE A 686 5.05 8.19 -5.13
C PHE A 686 5.78 7.22 -4.19
N LEU A 687 5.04 6.23 -3.68
CA LEU A 687 5.57 5.23 -2.75
C LEU A 687 6.79 4.42 -3.25
N ARG A 688 6.77 4.05 -4.54
CA ARG A 688 7.84 3.27 -5.14
C ARG A 688 8.81 4.12 -5.90
N ALA A 689 8.92 5.36 -5.45
CA ALA A 689 9.81 6.31 -6.04
C ALA A 689 10.98 6.48 -5.06
FE FE B . 12.87 9.59 12.87
FE FE C . -9.77 -11.61 -17.68
C CO3 D . 13.35 8.86 14.99
O1 CO3 D . 13.80 8.20 14.02
O2 CO3 D . 12.75 10.04 14.73
O3 CO3 D . 13.65 8.43 16.16
C CO3 E . -11.23 -9.56 -18.11
O1 CO3 E . -10.35 -10.15 -18.81
O2 CO3 E . -11.39 -9.91 -16.88
O3 CO3 E . -12.14 -9.01 -18.74
#